data_3GCD
#
_entry.id   3GCD
#
_cell.length_a   48.560
_cell.length_b   65.854
_cell.length_c   254.880
_cell.angle_alpha   90.00
_cell.angle_beta   90.00
_cell.angle_gamma   90.00
#
_symmetry.space_group_name_H-M   'P 21 21 21'
#
loop_
_entity.id
_entity.type
_entity.pdbx_description
1 polymer 'RTX toxin RtxA'
2 non-polymer 'ethyl (5S,8S,14S)-14-hydroxy-5,8,11-tris(2-methylpropyl)-3,6,9,12-tetraoxo-1-phenyl-2-oxa-4,7,10,11-tetraazapentadecan-15-oate'
3 non-polymer 'INOSITOL HEXAKISPHOSPHATE'
4 non-polymer 'SODIUM ION'
5 water water
#
_entity_poly.entity_id   1
_entity_poly.type   'polypeptide(L)'
_entity_poly.pdbx_seq_one_letter_code
;ADGKILHNQNVNSWGPITVTPTTDGGETRFDGQIIVQMENDPVVAKAAANLAGKHAESSVVVQLDSDGNYRVVYGDPSKL
DGKLRWQLVGHGRDHSETNNTRLSGYSADELAVKLAKFQQSFNQAENINNKPDHISIVGCSLVSDDKQKGFGHQFINAMD
ANGLRVDVSVRSSELAVDEAGRKHTKDANGDWVQKAENNKVSLSWDAQG
;
_entity_poly.pdbx_strand_id   A,B,C,D
#
# COMPACT_ATOMS: atom_id res chain seq x y z
N LYS A 4 0.40 8.37 11.75
CA LYS A 4 1.53 7.86 12.59
C LYS A 4 1.40 6.36 12.80
N ILE A 5 2.07 5.61 11.94
CA ILE A 5 2.16 4.17 12.06
C ILE A 5 2.91 3.81 13.35
N LEU A 6 2.29 3.03 14.23
CA LEU A 6 2.94 2.54 15.44
C LEU A 6 3.85 1.36 15.17
N HIS A 7 5.11 1.51 15.51
CA HIS A 7 6.04 0.41 15.33
C HIS A 7 6.94 0.27 16.56
N ASN A 8 6.57 -0.65 17.46
CA ASN A 8 7.36 -0.84 18.65
C ASN A 8 7.92 -2.26 18.80
N GLN A 9 7.69 -3.09 17.80
CA GLN A 9 8.17 -4.47 17.83
C GLN A 9 9.54 -4.60 17.21
N ASN A 10 10.26 -5.64 17.61
CA ASN A 10 11.52 -6.01 16.96
C ASN A 10 12.51 -4.87 16.71
N VAL A 11 13.25 -4.50 17.73
CA VAL A 11 14.22 -3.44 17.65
C VAL A 11 15.30 -3.67 16.56
N ASN A 12 15.59 -4.92 16.26
CA ASN A 12 16.57 -5.23 15.21
C ASN A 12 16.14 -4.72 13.84
N SER A 13 14.87 -4.34 13.70
CA SER A 13 14.33 -3.92 12.41
C SER A 13 14.13 -2.43 12.32
N TRP A 14 14.54 -1.70 13.36
CA TRP A 14 14.34 -0.25 13.40
C TRP A 14 15.42 0.49 12.60
N GLY A 15 15.10 1.68 12.12
CA GLY A 15 16.11 2.49 11.42
C GLY A 15 17.14 2.98 12.43
N PRO A 16 18.38 3.21 12.00
CA PRO A 16 19.39 3.70 12.93
C PRO A 16 19.30 5.22 13.01
N ILE A 17 20.15 5.85 13.82
CA ILE A 17 20.10 7.30 13.93
C ILE A 17 21.45 7.98 13.70
N THR A 18 21.40 9.30 13.56
CA THR A 18 22.59 10.10 13.39
C THR A 18 22.46 11.30 14.29
N VAL A 19 23.47 11.50 15.13
CA VAL A 19 23.50 12.59 16.06
C VAL A 19 24.48 13.67 15.60
N THR A 20 24.06 14.92 15.72
CA THR A 20 24.94 16.05 15.46
C THR A 20 25.13 16.85 16.76
N PRO A 21 26.25 16.61 17.45
CA PRO A 21 26.50 17.30 18.73
C PRO A 21 26.36 18.81 18.65
N THR A 22 25.94 19.46 19.73
CA THR A 22 25.87 20.92 19.76
C THR A 22 26.89 21.46 20.76
N THR A 23 27.12 22.77 20.74
CA THR A 23 28.06 23.38 21.67
C THR A 23 27.36 24.27 22.69
N ASP A 24 26.10 24.61 22.41
CA ASP A 24 25.35 25.52 23.27
C ASP A 24 24.61 24.73 24.35
N GLY A 25 24.87 23.42 24.42
CA GLY A 25 24.21 22.55 25.39
C GLY A 25 24.14 23.13 26.79
N GLY A 26 25.29 23.43 27.38
CA GLY A 26 25.31 24.02 28.71
C GLY A 26 25.45 22.96 29.78
N GLU A 27 25.23 23.37 31.03
CA GLU A 27 25.32 22.49 32.18
C GLU A 27 24.10 21.55 32.25
N THR A 28 24.30 20.40 32.91
CA THR A 28 23.24 19.45 33.13
C THR A 28 23.46 18.80 34.49
N ARG A 29 22.45 18.82 35.36
CA ARG A 29 22.59 18.26 36.70
C ARG A 29 22.79 16.73 36.66
N PHE A 30 22.81 16.16 35.47
CA PHE A 30 22.99 14.72 35.33
C PHE A 30 24.36 14.35 34.79
N ASP A 31 25.03 13.44 35.49
CA ASP A 31 26.36 13.00 35.09
C ASP A 31 26.30 12.24 33.78
N GLY A 32 25.18 11.55 33.59
CA GLY A 32 24.96 10.78 32.36
C GLY A 32 23.47 10.67 32.10
N GLN A 33 23.09 10.37 30.87
CA GLN A 33 21.67 10.16 30.60
C GLN A 33 21.47 9.10 29.52
N ILE A 34 20.28 8.49 29.50
CA ILE A 34 19.93 7.56 28.44
C ILE A 34 18.69 8.05 27.75
N ILE A 35 18.80 8.24 26.44
CA ILE A 35 17.67 8.64 25.66
C ILE A 35 17.07 7.32 25.21
N VAL A 36 15.86 7.02 25.69
CA VAL A 36 15.21 5.76 25.36
C VAL A 36 14.15 5.92 24.25
N GLN A 37 14.52 5.51 23.03
CA GLN A 37 13.64 5.62 21.88
C GLN A 37 12.59 4.50 21.93
N MET A 38 11.33 4.86 22.17
CA MET A 38 10.29 3.85 22.44
C MET A 38 9.58 3.32 21.21
N GLU A 39 9.75 3.95 20.06
CA GLU A 39 9.12 3.47 18.83
C GLU A 39 9.92 3.87 17.60
N ASN A 40 9.74 3.12 16.53
CA ASN A 40 10.51 3.32 15.31
C ASN A 40 9.81 4.27 14.35
N ASP A 41 9.67 5.52 14.77
CA ASP A 41 9.02 6.54 13.97
C ASP A 41 10.01 7.67 13.67
N PRO A 42 10.08 8.09 12.39
CA PRO A 42 11.05 9.09 11.95
C PRO A 42 11.14 10.32 12.87
N VAL A 43 10.02 10.86 13.31
CA VAL A 43 10.07 12.04 14.21
C VAL A 43 10.70 11.69 15.57
N VAL A 44 10.23 10.60 16.17
CA VAL A 44 10.72 10.14 17.45
C VAL A 44 12.21 9.87 17.40
N ALA A 45 12.67 9.31 16.27
CA ALA A 45 14.10 9.00 16.08
C ALA A 45 14.96 10.26 16.09
N LYS A 46 14.52 11.29 15.39
CA LYS A 46 15.24 12.56 15.32
C LYS A 46 15.21 13.31 16.63
N ALA A 47 14.07 13.30 17.31
CA ALA A 47 13.96 13.96 18.62
C ALA A 47 14.89 13.28 19.62
N ALA A 48 14.95 11.96 19.55
CA ALA A 48 15.87 11.22 20.40
C ALA A 48 17.31 11.62 20.06
N ALA A 49 17.62 11.69 18.77
CA ALA A 49 18.98 12.06 18.33
C ALA A 49 19.33 13.50 18.72
N ASN A 50 18.35 14.39 18.59
CA ASN A 50 18.58 15.78 18.94
C ASN A 50 18.83 15.96 20.42
N LEU A 51 18.10 15.23 21.26
CA LEU A 51 18.24 15.37 22.71
C LEU A 51 19.63 14.94 23.09
N ALA A 52 20.05 13.83 22.50
CA ALA A 52 21.35 13.27 22.79
C ALA A 52 22.41 14.30 22.38
N GLY A 53 22.19 14.92 21.24
CA GLY A 53 23.11 15.92 20.75
C GLY A 53 23.33 17.08 21.70
N LYS A 54 22.39 17.34 22.60
CA LYS A 54 22.54 18.48 23.50
C LYS A 54 23.72 18.27 24.49
N HIS A 55 23.92 17.04 24.94
CA HIS A 55 25.02 16.64 25.84
C HIS A 55 25.58 15.32 25.30
N ALA A 56 26.17 15.38 24.12
CA ALA A 56 26.60 14.16 23.40
C ALA A 56 27.62 13.31 24.14
N GLU A 57 28.56 13.96 24.81
CA GLU A 57 29.66 13.24 25.41
C GLU A 57 29.18 12.29 26.51
N SER A 58 28.04 12.59 27.11
CA SER A 58 27.56 11.80 28.24
C SER A 58 26.20 11.17 28.00
N SER A 59 25.68 11.29 26.78
CA SER A 59 24.39 10.73 26.42
C SER A 59 24.52 9.41 25.69
N VAL A 60 23.67 8.45 26.07
CA VAL A 60 23.61 7.17 25.41
C VAL A 60 22.21 7.05 24.80
N VAL A 61 22.12 6.69 23.53
CA VAL A 61 20.80 6.49 22.95
C VAL A 61 20.57 5.00 22.82
N VAL A 62 19.44 4.55 23.37
CA VAL A 62 19.04 3.17 23.23
C VAL A 62 17.68 3.03 22.54
N GLN A 63 17.49 1.95 21.80
CA GLN A 63 16.21 1.62 21.21
C GLN A 63 15.63 0.40 21.91
N LEU A 64 14.41 0.53 22.43
CA LEU A 64 13.79 -0.50 23.26
C LEU A 64 12.44 -0.89 22.69
N ASP A 65 12.21 -2.19 22.50
CA ASP A 65 10.96 -2.66 21.90
C ASP A 65 10.01 -3.28 22.92
N SER A 66 8.90 -3.84 22.42
CA SER A 66 7.84 -4.38 23.26
C SER A 66 8.21 -5.70 23.91
N ASP A 67 9.24 -6.38 23.42
CA ASP A 67 9.78 -7.56 24.13
C ASP A 67 10.71 -7.21 25.31
N GLY A 68 10.94 -5.93 25.55
CA GLY A 68 11.96 -5.51 26.53
C GLY A 68 13.39 -5.66 26.01
N ASN A 69 13.54 -5.89 24.70
CA ASN A 69 14.86 -5.94 24.10
C ASN A 69 15.30 -4.57 23.62
N TYR A 70 16.61 -4.38 23.60
CA TYR A 70 17.19 -3.10 23.27
C TYR A 70 18.46 -3.23 22.46
N ARG A 71 18.96 -2.10 21.99
CA ARG A 71 20.27 -2.06 21.35
C ARG A 71 20.72 -0.62 21.52
N VAL A 72 22.02 -0.43 21.68
CA VAL A 72 22.57 0.91 21.80
C VAL A 72 22.81 1.43 20.39
N VAL A 73 22.29 2.62 20.09
CA VAL A 73 22.49 3.21 18.77
C VAL A 73 23.31 4.50 18.81
N TYR A 74 23.88 4.81 19.97
CA TYR A 74 24.75 5.96 20.15
C TYR A 74 25.31 6.02 21.57
N GLY A 75 26.56 6.44 21.68
CA GLY A 75 27.17 6.66 22.98
C GLY A 75 27.81 5.42 23.56
N ASP A 76 28.34 5.60 24.75
CA ASP A 76 29.15 4.61 25.43
C ASP A 76 28.52 4.30 26.78
N PRO A 77 27.84 3.14 26.88
CA PRO A 77 27.10 2.82 28.10
C PRO A 77 28.01 2.43 29.28
N SER A 78 29.29 2.23 29.01
CA SER A 78 30.28 1.93 30.06
C SER A 78 30.54 3.14 30.91
N LYS A 79 30.34 4.33 30.36
CA LYS A 79 30.68 5.55 31.07
C LYS A 79 29.52 6.04 31.91
N LEU A 80 28.35 5.41 31.76
CA LEU A 80 27.17 5.82 32.55
C LEU A 80 27.45 5.65 34.03
N ASP A 81 27.34 6.74 34.79
CA ASP A 81 27.68 6.69 36.19
C ASP A 81 27.21 7.94 36.92
N GLY A 82 26.98 7.82 38.22
CA GLY A 82 26.55 8.98 39.01
C GLY A 82 25.06 9.22 38.85
N LYS A 83 24.66 10.48 38.88
CA LYS A 83 23.26 10.85 38.75
C LYS A 83 22.76 10.65 37.29
N LEU A 84 21.84 9.71 37.09
CA LEU A 84 21.40 9.41 35.71
C LEU A 84 19.99 9.89 35.44
N ARG A 85 19.77 10.30 34.19
CA ARG A 85 18.46 10.70 33.69
C ARG A 85 18.10 9.76 32.53
N TRP A 86 16.80 9.55 32.37
CA TRP A 86 16.23 8.82 31.25
C TRP A 86 15.24 9.80 30.63
N GLN A 87 15.40 10.03 29.33
CA GLN A 87 14.42 10.79 28.58
C GLN A 87 13.76 9.80 27.65
N LEU A 88 12.48 9.54 27.90
CA LEU A 88 11.72 8.58 27.10
C LEU A 88 11.08 9.32 25.96
N VAL A 89 11.34 8.85 24.74
CA VAL A 89 10.87 9.57 23.57
C VAL A 89 9.86 8.73 22.79
N GLY A 90 8.70 9.30 22.56
CA GLY A 90 7.68 8.62 21.79
C GLY A 90 6.44 9.46 21.55
N HIS A 91 5.52 8.91 20.76
CA HIS A 91 4.28 9.60 20.52
C HIS A 91 3.24 9.28 21.59
N GLY A 92 2.71 10.32 22.23
CA GLY A 92 1.57 10.15 23.14
C GLY A 92 0.33 10.03 22.25
N ARG A 93 -0.57 9.12 22.59
CA ARG A 93 -1.77 8.87 21.78
C ARG A 93 -2.96 8.50 22.66
N ASP A 94 -4.14 8.45 22.03
CA ASP A 94 -5.36 7.96 22.69
C ASP A 94 -5.89 8.91 23.79
N HIS A 95 -6.52 10.01 23.35
CA HIS A 95 -6.96 11.03 24.28
C HIS A 95 -8.05 10.55 25.26
N SER A 96 -8.07 11.14 26.44
CA SER A 96 -9.10 10.88 27.45
C SER A 96 -9.35 12.17 28.27
N GLU A 97 -10.19 12.07 29.31
CA GLU A 97 -10.46 13.25 30.14
C GLU A 97 -9.19 13.65 30.90
N THR A 98 -8.26 12.71 31.04
CA THR A 98 -7.00 13.02 31.68
C THR A 98 -5.85 13.12 30.68
N ASN A 99 -6.20 13.42 29.42
CA ASN A 99 -5.24 13.51 28.33
C ASN A 99 -4.74 12.15 27.88
N ASN A 100 -3.69 12.10 27.08
CA ASN A 100 -3.30 10.84 26.45
C ASN A 100 -3.12 9.70 27.44
N THR A 101 -3.39 8.48 26.96
CA THR A 101 -3.32 7.31 27.82
C THR A 101 -2.24 6.31 27.41
N ARG A 102 -1.66 6.47 26.23
CA ARG A 102 -0.60 5.55 25.77
C ARG A 102 0.63 6.25 25.18
N LEU A 103 1.83 5.80 25.56
CA LEU A 103 3.07 6.26 24.96
C LEU A 103 3.63 5.13 24.11
N SER A 104 3.81 5.39 22.82
CA SER A 104 4.36 4.38 21.92
C SER A 104 3.58 3.10 22.00
N GLY A 105 2.26 3.25 22.18
CA GLY A 105 1.36 2.10 22.20
C GLY A 105 1.24 1.38 23.53
N TYR A 106 2.01 1.84 24.53
CA TYR A 106 1.99 1.25 25.89
C TYR A 106 1.21 2.10 26.89
N SER A 107 0.46 1.42 27.75
CA SER A 107 -0.18 2.11 28.87
C SER A 107 0.88 2.34 29.95
N ALA A 108 0.57 3.19 30.91
CA ALA A 108 1.50 3.47 31.98
C ALA A 108 2.06 2.20 32.63
N ASP A 109 1.21 1.20 32.86
CA ASP A 109 1.65 -0.01 33.56
C ASP A 109 2.53 -0.87 32.69
N GLU A 110 2.18 -1.00 31.41
CA GLU A 110 2.99 -1.77 30.47
C GLU A 110 4.35 -1.11 30.26
N LEU A 111 4.37 0.21 30.12
CA LEU A 111 5.62 0.92 29.92
C LEU A 111 6.55 0.60 31.10
N ALA A 112 6.00 0.67 32.30
CA ALA A 112 6.76 0.35 33.50
C ALA A 112 7.41 -1.04 33.41
N VAL A 113 6.67 -2.04 32.93
CA VAL A 113 7.21 -3.39 32.83
C VAL A 113 8.36 -3.48 31.83
N LYS A 114 8.16 -2.91 30.64
CA LYS A 114 9.22 -2.93 29.63
C LYS A 114 10.47 -2.24 30.15
N LEU A 115 10.27 -1.14 30.87
CA LEU A 115 11.41 -0.41 31.38
C LEU A 115 12.14 -1.23 32.42
N ALA A 116 11.39 -1.94 33.26
CA ALA A 116 11.99 -2.78 34.27
C ALA A 116 12.74 -3.94 33.61
N LYS A 117 12.12 -4.57 32.62
CA LYS A 117 12.77 -5.61 31.86
C LYS A 117 14.06 -5.04 31.23
N PHE A 118 13.98 -3.82 30.73
CA PHE A 118 15.14 -3.14 30.14
C PHE A 118 16.28 -2.99 31.15
N GLN A 119 15.97 -2.36 32.28
CA GLN A 119 16.94 -2.17 33.35
C GLN A 119 17.70 -3.48 33.66
N GLN A 120 16.97 -4.58 33.88
CA GLN A 120 17.61 -5.88 34.13
C GLN A 120 18.57 -6.29 33.02
N SER A 121 18.12 -6.22 31.77
CA SER A 121 18.98 -6.60 30.65
C SER A 121 20.24 -5.73 30.58
N PHE A 122 20.04 -4.43 30.67
CA PHE A 122 21.10 -3.47 30.54
C PHE A 122 22.13 -3.74 31.62
N ASN A 123 21.66 -3.95 32.84
CA ASN A 123 22.61 -4.18 33.91
C ASN A 123 23.34 -5.50 33.72
N GLN A 124 22.64 -6.48 33.20
CA GLN A 124 23.22 -7.78 32.91
C GLN A 124 24.21 -7.74 31.75
N ALA A 125 24.02 -6.80 30.82
CA ALA A 125 24.83 -6.77 29.61
C ALA A 125 26.03 -5.84 29.76
N GLU A 126 25.80 -4.67 30.35
CA GLU A 126 26.85 -3.68 30.46
C GLU A 126 27.37 -3.65 31.88
N ASN A 127 26.78 -4.48 32.75
CA ASN A 127 27.18 -4.52 34.15
C ASN A 127 27.14 -3.13 34.83
N ILE A 128 26.03 -2.42 34.61
CA ILE A 128 25.84 -1.06 35.15
C ILE A 128 24.57 -1.02 35.97
N ASN A 129 24.66 -1.30 37.27
CA ASN A 129 23.46 -1.31 38.09
C ASN A 129 23.12 0.04 38.70
N ASN A 130 23.09 1.07 37.86
CA ASN A 130 22.70 2.40 38.31
C ASN A 130 21.29 2.70 37.84
N LYS A 131 20.37 2.84 38.77
CA LYS A 131 19.00 3.12 38.40
C LYS A 131 18.92 4.59 38.04
N PRO A 132 17.97 4.95 37.17
CA PRO A 132 17.79 6.35 36.81
C PRO A 132 17.35 7.17 38.02
N ASP A 133 17.85 8.39 38.10
CA ASP A 133 17.46 9.26 39.17
C ASP A 133 16.24 10.07 38.77
N HIS A 134 16.07 10.31 37.48
CA HIS A 134 14.94 11.09 37.01
C HIS A 134 14.46 10.57 35.67
N ILE A 135 13.16 10.65 35.44
CA ILE A 135 12.60 10.25 34.14
C ILE A 135 11.88 11.44 33.51
N SER A 136 12.25 11.77 32.28
CA SER A 136 11.62 12.86 31.57
C SER A 136 10.83 12.25 30.40
N ILE A 137 9.51 12.41 30.43
CA ILE A 137 8.65 11.82 29.41
C ILE A 137 8.50 12.77 28.26
N VAL A 138 9.11 12.43 27.14
CA VAL A 138 9.08 13.31 25.98
C VAL A 138 8.05 12.82 24.98
N GLY A 139 6.79 13.08 25.30
CA GLY A 139 5.68 12.74 24.43
C GLY A 139 4.57 13.71 24.76
N CYS A 140 3.61 13.88 23.85
CA CYS A 140 2.55 14.88 23.98
C CYS A 140 1.53 14.61 25.07
N SER A 141 1.39 15.58 25.97
CA SER A 141 0.37 15.57 27.02
C SER A 141 -0.03 14.29 27.76
N LEU A 142 0.90 13.77 28.56
CA LEU A 142 0.71 12.51 29.21
C LEU A 142 0.51 12.74 30.71
N VAL A 143 -0.25 13.78 31.00
CA VAL A 143 -0.69 14.08 32.35
C VAL A 143 -1.84 15.04 32.21
N SER A 144 -2.78 15.00 33.16
CA SER A 144 -4.00 15.81 33.09
C SER A 144 -3.65 17.30 33.05
N ASP A 145 -4.58 18.14 32.63
CA ASP A 145 -4.32 19.57 32.59
C ASP A 145 -4.02 20.08 33.97
N ASP A 146 -4.75 19.56 34.96
CA ASP A 146 -4.56 19.97 36.35
C ASP A 146 -3.32 19.34 36.98
N LYS A 147 -2.66 18.46 36.25
CA LYS A 147 -1.39 17.84 36.68
C LYS A 147 -1.61 16.85 37.82
N GLN A 148 -2.87 16.62 38.15
CA GLN A 148 -3.24 15.80 39.31
C GLN A 148 -3.41 14.32 38.98
N LYS A 149 -3.87 14.04 37.76
CA LYS A 149 -4.11 12.67 37.36
C LYS A 149 -3.53 12.49 35.97
N GLY A 150 -3.73 11.31 35.38
CA GLY A 150 -3.23 11.04 34.04
C GLY A 150 -2.16 9.96 33.99
N PHE A 151 -1.63 9.74 32.79
CA PHE A 151 -0.59 8.76 32.52
C PHE A 151 0.62 8.91 33.45
N GLY A 152 1.12 10.13 33.61
CA GLY A 152 2.29 10.34 34.42
C GLY A 152 2.14 9.80 35.84
N HIS A 153 0.94 9.97 36.39
CA HIS A 153 0.66 9.54 37.76
C HIS A 153 0.53 8.03 37.87
N GLN A 154 -0.02 7.40 36.84
CA GLN A 154 -0.11 5.96 36.85
C GLN A 154 1.28 5.39 36.65
N PHE A 155 2.08 6.09 35.87
CA PHE A 155 3.41 5.63 35.52
C PHE A 155 4.34 5.67 36.72
N ILE A 156 4.42 6.81 37.39
CA ILE A 156 5.34 6.93 38.52
C ILE A 156 5.03 5.84 39.54
N ASN A 157 3.74 5.50 39.69
CA ASN A 157 3.32 4.45 40.61
C ASN A 157 3.64 3.05 40.13
N ALA A 158 3.49 2.82 38.83
CA ALA A 158 3.75 1.50 38.30
C ALA A 158 5.25 1.26 38.34
N MET A 159 6.03 2.32 38.12
CA MET A 159 7.47 2.18 38.12
C MET A 159 7.90 1.72 39.51
N ASP A 160 7.35 2.38 40.53
CA ASP A 160 7.60 2.00 41.91
C ASP A 160 7.25 0.53 42.11
N ALA A 161 6.06 0.13 41.67
CA ALA A 161 5.59 -1.25 41.85
C ALA A 161 6.50 -2.23 41.14
N ASN A 162 7.30 -1.72 40.21
CA ASN A 162 8.20 -2.56 39.43
C ASN A 162 9.68 -2.45 39.83
N GLY A 163 9.94 -1.89 41.00
CA GLY A 163 11.30 -1.82 41.54
C GLY A 163 12.10 -0.59 41.17
N LEU A 164 11.44 0.42 40.60
CA LEU A 164 12.14 1.62 40.21
C LEU A 164 11.48 2.86 40.79
N ARG A 165 12.00 3.32 41.92
CA ARG A 165 11.49 4.54 42.52
C ARG A 165 12.18 5.74 41.90
N VAL A 166 11.45 6.54 41.14
CA VAL A 166 12.06 7.67 40.45
C VAL A 166 11.15 8.88 40.40
N ASP A 167 11.74 10.05 40.16
CA ASP A 167 10.98 11.26 39.95
C ASP A 167 10.60 11.30 38.47
N VAL A 168 9.49 11.95 38.12
CA VAL A 168 9.06 11.96 36.74
C VAL A 168 8.60 13.34 36.36
N SER A 169 9.09 13.83 35.23
CA SER A 169 8.62 15.10 34.69
C SER A 169 7.82 14.77 33.44
N VAL A 170 6.71 15.48 33.26
CA VAL A 170 5.80 15.17 32.17
C VAL A 170 4.99 16.43 31.80
N ARG A 171 4.61 16.53 30.53
CA ARG A 171 3.86 17.69 30.08
C ARG A 171 2.38 17.34 29.88
N SER A 172 1.52 18.33 30.08
CA SER A 172 0.08 18.15 29.87
C SER A 172 -0.40 18.66 28.53
N SER A 173 0.53 19.14 27.70
CA SER A 173 0.15 19.76 26.44
C SER A 173 0.96 19.19 25.30
N GLU A 174 0.78 19.76 24.11
CA GLU A 174 1.48 19.35 22.92
C GLU A 174 2.99 19.55 23.13
N LEU A 175 3.82 18.70 22.56
CA LEU A 175 5.29 18.71 22.74
C LEU A 175 6.11 18.53 21.48
N ALA A 176 7.25 19.17 21.45
CA ALA A 176 8.05 19.44 20.25
C ALA A 176 9.51 19.66 20.60
N VAL A 177 10.39 18.91 19.93
CA VAL A 177 11.81 19.01 20.17
C VAL A 177 12.52 19.66 18.97
N ASP A 178 13.23 20.76 19.19
CA ASP A 178 13.97 21.44 18.11
C ASP A 178 15.33 20.81 17.81
N GLU A 179 16.02 21.38 16.83
CA GLU A 179 17.26 20.78 16.35
C GLU A 179 18.36 20.85 17.40
N ALA A 180 18.18 21.69 18.42
CA ALA A 180 19.19 21.81 19.49
C ALA A 180 18.92 20.88 20.66
N GLY A 181 17.81 20.14 20.60
CA GLY A 181 17.46 19.21 21.68
C GLY A 181 16.61 19.86 22.76
N ARG A 182 16.09 21.04 22.47
CA ARG A 182 15.28 21.77 23.45
C ARG A 182 13.80 21.48 23.25
N LYS A 183 13.05 21.48 24.35
CA LYS A 183 11.63 21.18 24.32
C LYS A 183 10.78 22.45 24.12
N HIS A 184 9.67 22.32 23.39
CA HIS A 184 8.71 23.41 23.23
C HIS A 184 7.33 22.87 23.50
N THR A 185 6.53 23.60 24.28
CA THR A 185 5.15 23.25 24.55
C THR A 185 4.19 24.24 23.87
N LYS A 186 2.96 23.82 23.65
CA LYS A 186 1.97 24.66 23.01
C LYS A 186 1.01 25.24 24.05
N ASP A 187 0.88 26.56 24.07
CA ASP A 187 -0.02 27.21 25.02
C ASP A 187 -1.45 27.38 24.47
N ALA A 188 -2.28 28.09 25.24
CA ALA A 188 -3.69 28.29 24.90
C ALA A 188 -3.93 28.87 23.51
N ASN A 189 -3.16 29.89 23.13
CA ASN A 189 -3.32 30.50 21.82
C ASN A 189 -2.97 29.54 20.69
N GLY A 190 -2.19 28.50 21.03
CA GLY A 190 -1.81 27.48 20.06
C GLY A 190 -0.42 27.71 19.49
N ASP A 191 0.26 28.71 20.03
CA ASP A 191 1.62 29.01 19.59
C ASP A 191 2.64 28.27 20.45
N TRP A 192 3.73 27.86 19.83
CA TRP A 192 4.82 27.18 20.52
C TRP A 192 5.62 28.14 21.39
N VAL A 193 5.92 27.72 22.60
CA VAL A 193 6.72 28.51 23.53
C VAL A 193 7.73 27.65 24.27
N GLN A 194 8.60 28.28 25.04
CA GLN A 194 9.57 27.54 25.84
C GLN A 194 9.42 27.88 27.31
N LYS A 195 9.88 26.97 28.17
CA LYS A 195 9.82 27.19 29.62
C LYS A 195 8.42 27.52 30.14
N ALA A 196 7.39 27.04 29.45
CA ALA A 196 6.04 27.18 29.97
C ALA A 196 5.86 26.20 31.13
N GLU A 197 6.04 26.70 32.35
CA GLU A 197 5.96 25.85 33.52
C GLU A 197 4.52 25.39 33.80
N ASN A 198 3.55 26.13 33.26
CA ASN A 198 2.16 25.72 33.42
C ASN A 198 1.87 24.46 32.61
N ASN A 199 2.70 24.18 31.62
CA ASN A 199 2.48 23.04 30.73
C ASN A 199 3.21 21.78 31.17
N LYS A 200 3.87 21.87 32.30
CA LYS A 200 4.65 20.77 32.81
C LYS A 200 4.50 20.57 34.33
N VAL A 201 4.67 19.33 34.77
CA VAL A 201 4.70 19.04 36.19
C VAL A 201 5.83 18.07 36.50
N SER A 202 6.38 18.18 37.70
CA SER A 202 7.43 17.28 38.12
C SER A 202 6.92 16.47 39.30
N LEU A 203 6.81 15.17 39.12
CA LEU A 203 6.27 14.30 40.16
C LEU A 203 7.40 13.71 40.96
N SER A 204 7.32 13.84 42.28
CA SER A 204 8.40 13.43 43.17
C SER A 204 7.92 12.62 44.38
N TRP A 205 8.84 11.96 45.05
CA TRP A 205 8.50 11.17 46.23
C TRP A 205 8.89 11.87 47.55
N LYS B 4 9.29 -17.21 18.32
CA LYS B 4 9.10 -16.35 19.48
C LYS B 4 8.78 -14.91 19.11
N ILE B 5 9.79 -14.05 19.14
CA ILE B 5 9.62 -12.65 18.78
C ILE B 5 8.62 -12.41 17.67
N LEU B 6 7.56 -11.66 17.98
CA LEU B 6 6.52 -11.36 16.99
C LEU B 6 6.63 -9.96 16.40
N HIS B 7 6.81 -9.89 15.09
CA HIS B 7 6.93 -8.62 14.40
C HIS B 7 5.90 -8.64 13.25
N ASN B 8 4.70 -8.15 13.51
CA ASN B 8 3.70 -8.07 12.42
C ASN B 8 3.38 -6.63 12.03
N GLN B 9 4.04 -5.67 12.68
CA GLN B 9 3.84 -4.25 12.42
C GLN B 9 4.77 -3.66 11.38
N ASN B 10 4.29 -2.58 10.74
CA ASN B 10 5.03 -1.84 9.69
C ASN B 10 5.78 -2.58 8.55
N VAL B 11 5.07 -3.07 7.55
CA VAL B 11 5.66 -3.93 6.49
C VAL B 11 6.90 -3.32 5.83
N ASN B 12 7.00 -2.00 5.85
CA ASN B 12 8.20 -1.33 5.29
C ASN B 12 9.50 -1.69 6.01
N SER B 13 9.37 -2.21 7.24
CA SER B 13 10.56 -2.53 8.04
C SER B 13 10.92 -4.00 7.97
N TRP B 14 10.12 -4.78 7.24
CA TRP B 14 10.33 -6.24 7.16
C TRP B 14 11.46 -6.53 6.21
N GLY B 15 12.07 -7.70 6.35
CA GLY B 15 13.17 -8.11 5.47
C GLY B 15 12.67 -8.66 4.15
N PRO B 16 13.53 -8.70 3.13
CA PRO B 16 13.06 -9.17 1.82
C PRO B 16 13.15 -10.67 1.75
N ILE B 17 12.51 -11.26 0.75
CA ILE B 17 12.63 -12.70 0.54
C ILE B 17 13.14 -12.99 -0.88
N THR B 18 13.78 -14.14 -1.04
CA THR B 18 14.27 -14.52 -2.36
C THR B 18 13.71 -15.88 -2.74
N VAL B 19 13.01 -15.92 -3.85
CA VAL B 19 12.40 -17.16 -4.28
C VAL B 19 13.30 -17.86 -5.28
N THR B 20 13.59 -19.13 -5.00
CA THR B 20 14.42 -19.95 -5.88
C THR B 20 13.63 -21.20 -6.25
N PRO B 21 13.11 -21.23 -7.49
CA PRO B 21 12.29 -22.30 -8.05
C PRO B 21 12.91 -23.67 -7.87
N THR B 22 12.09 -24.67 -7.54
CA THR B 22 12.54 -26.04 -7.44
C THR B 22 12.23 -26.83 -8.69
N THR B 23 12.96 -27.91 -8.91
CA THR B 23 12.75 -28.78 -10.07
C THR B 23 11.53 -29.68 -9.96
N ASP B 24 11.54 -30.54 -8.94
CA ASP B 24 10.45 -31.47 -8.68
C ASP B 24 9.35 -30.60 -8.08
N GLY B 25 8.88 -29.61 -8.85
CA GLY B 25 7.80 -28.75 -8.38
C GLY B 25 6.46 -29.45 -8.21
N GLY B 26 5.88 -29.90 -9.31
CA GLY B 26 4.72 -30.77 -9.27
C GLY B 26 3.58 -30.14 -10.05
N GLU B 27 2.36 -30.52 -9.72
CA GLU B 27 1.21 -29.92 -10.40
C GLU B 27 0.17 -29.49 -9.38
N THR B 28 -0.13 -28.18 -9.40
CA THR B 28 -1.12 -27.67 -8.47
C THR B 28 -2.46 -27.48 -9.15
N ARG B 29 -3.53 -27.89 -8.46
CA ARG B 29 -4.90 -27.78 -8.98
C ARG B 29 -5.36 -26.33 -9.02
N PHE B 30 -4.50 -25.42 -8.60
CA PHE B 30 -4.82 -24.00 -8.57
C PHE B 30 -4.11 -23.25 -9.69
N ASP B 31 -4.87 -22.38 -10.36
CA ASP B 31 -4.35 -21.60 -11.46
C ASP B 31 -3.26 -20.66 -10.97
N GLY B 32 -3.52 -20.06 -9.81
CA GLY B 32 -2.55 -19.20 -9.14
C GLY B 32 -2.79 -19.23 -7.65
N GLN B 33 -1.77 -18.88 -6.89
CA GLN B 33 -1.89 -18.83 -5.44
C GLN B 33 -1.17 -17.61 -4.88
N ILE B 34 -1.69 -17.09 -3.79
CA ILE B 34 -1.01 -16.02 -3.07
C ILE B 34 -0.47 -16.55 -1.75
N ILE B 35 0.85 -16.53 -1.60
CA ILE B 35 1.49 -16.92 -0.35
C ILE B 35 1.56 -15.65 0.48
N VAL B 36 0.82 -15.65 1.59
CA VAL B 36 0.69 -14.43 2.43
C VAL B 36 1.51 -14.55 3.72
N GLN B 37 2.58 -13.74 3.81
CA GLN B 37 3.50 -13.76 4.95
C GLN B 37 2.95 -12.85 6.04
N MET B 38 2.55 -13.43 7.17
CA MET B 38 1.83 -12.66 8.16
C MET B 38 2.77 -11.99 9.16
N GLU B 39 4.05 -12.34 9.13
CA GLU B 39 4.95 -11.74 10.11
C GLU B 39 6.42 -11.77 9.66
N ASN B 40 7.20 -10.85 10.20
CA ASN B 40 8.59 -10.68 9.79
C ASN B 40 9.50 -11.54 10.64
N ASP B 41 9.55 -12.82 10.31
CA ASP B 41 10.37 -13.79 11.01
C ASP B 41 11.15 -14.57 9.95
N PRO B 42 12.42 -14.82 10.21
CA PRO B 42 13.32 -15.47 9.26
C PRO B 42 12.82 -16.85 8.83
N VAL B 43 12.27 -17.60 9.78
CA VAL B 43 11.71 -18.91 9.45
C VAL B 43 10.46 -18.76 8.57
N VAL B 44 9.60 -17.79 8.92
CA VAL B 44 8.35 -17.57 8.19
C VAL B 44 8.57 -17.05 6.80
N ALA B 45 9.50 -16.12 6.64
CA ALA B 45 9.79 -15.54 5.32
C ALA B 45 10.40 -16.58 4.39
N LYS B 46 11.28 -17.40 4.95
CA LYS B 46 11.91 -18.45 4.17
C LYS B 46 10.87 -19.48 3.75
N ALA B 47 10.00 -19.83 4.69
CA ALA B 47 8.97 -20.82 4.41
C ALA B 47 8.10 -20.30 3.29
N ALA B 48 7.73 -19.03 3.37
CA ALA B 48 6.82 -18.46 2.40
C ALA B 48 7.48 -18.49 1.03
N ALA B 49 8.77 -18.12 1.00
CA ALA B 49 9.53 -18.13 -0.24
C ALA B 49 9.53 -19.53 -0.83
N ASN B 50 9.87 -20.53 -0.02
CA ASN B 50 9.98 -21.90 -0.49
C ASN B 50 8.67 -22.42 -1.04
N LEU B 51 7.57 -22.11 -0.36
CA LEU B 51 6.28 -22.46 -0.89
C LEU B 51 6.19 -21.90 -2.29
N ALA B 52 6.58 -20.64 -2.42
CA ALA B 52 6.51 -19.96 -3.71
C ALA B 52 7.37 -20.68 -4.75
N GLY B 53 8.52 -21.20 -4.30
CA GLY B 53 9.47 -21.85 -5.20
C GLY B 53 8.97 -23.14 -5.82
N LYS B 54 8.04 -23.80 -5.14
CA LYS B 54 7.49 -25.05 -5.63
C LYS B 54 6.56 -24.82 -6.81
N HIS B 55 6.05 -23.60 -6.95
CA HIS B 55 5.22 -23.28 -8.10
C HIS B 55 5.49 -21.86 -8.57
N ALA B 56 6.77 -21.55 -8.74
CA ALA B 56 7.27 -20.21 -9.07
C ALA B 56 6.54 -19.55 -10.22
N GLU B 57 5.94 -20.36 -11.08
CA GLU B 57 5.33 -19.84 -12.28
C GLU B 57 4.05 -19.08 -11.98
N SER B 58 3.28 -19.59 -11.03
CA SER B 58 1.95 -19.04 -10.76
C SER B 58 1.76 -18.65 -9.31
N SER B 59 2.86 -18.46 -8.59
CA SER B 59 2.76 -18.11 -7.17
C SER B 59 3.09 -16.64 -6.97
N VAL B 60 2.41 -16.03 -5.99
CA VAL B 60 2.74 -14.68 -5.62
C VAL B 60 2.91 -14.57 -4.11
N VAL B 61 3.96 -13.90 -3.68
CA VAL B 61 4.19 -13.69 -2.27
C VAL B 61 3.84 -12.28 -1.89
N VAL B 62 3.21 -12.13 -0.73
CA VAL B 62 2.79 -10.84 -0.24
C VAL B 62 3.05 -10.75 1.25
N GLN B 63 3.50 -9.60 1.69
CA GLN B 63 3.68 -9.34 3.09
C GLN B 63 2.60 -8.37 3.54
N LEU B 64 1.88 -8.74 4.61
CA LEU B 64 0.70 -7.99 5.08
C LEU B 64 0.80 -7.62 6.57
N ASP B 65 0.74 -6.33 6.89
CA ASP B 65 1.02 -5.97 8.28
C ASP B 65 -0.22 -5.71 9.14
N SER B 66 0.03 -5.30 10.37
CA SER B 66 -1.02 -5.16 11.35
C SER B 66 -1.89 -3.96 11.07
N ASP B 67 -1.45 -3.09 10.17
CA ASP B 67 -2.23 -1.91 9.82
C ASP B 67 -3.08 -2.14 8.58
N GLY B 68 -2.82 -3.22 7.88
CA GLY B 68 -3.53 -3.48 6.63
C GLY B 68 -2.71 -3.19 5.39
N ASN B 69 -1.50 -2.64 5.58
CA ASN B 69 -0.62 -2.35 4.45
C ASN B 69 0.13 -3.59 4.06
N TYR B 70 0.44 -3.71 2.77
CA TYR B 70 1.12 -4.88 2.27
C TYR B 70 2.05 -4.44 1.16
N ARG B 71 2.81 -5.39 0.63
CA ARG B 71 3.63 -5.11 -0.53
C ARG B 71 3.97 -6.41 -1.23
N VAL B 72 3.95 -6.38 -2.55
CA VAL B 72 4.23 -7.56 -3.34
C VAL B 72 5.71 -7.75 -3.35
N VAL B 73 6.19 -8.93 -2.94
CA VAL B 73 7.61 -9.14 -2.87
C VAL B 73 8.06 -10.15 -3.89
N TYR B 74 7.10 -10.73 -4.60
CA TYR B 74 7.38 -11.74 -5.62
C TYR B 74 6.10 -11.97 -6.43
N GLY B 75 6.28 -12.19 -7.73
CA GLY B 75 5.20 -12.61 -8.62
C GLY B 75 4.41 -11.45 -9.21
N ASP B 76 3.60 -11.77 -10.23
CA ASP B 76 2.83 -10.76 -10.92
C ASP B 76 1.34 -10.93 -10.65
N PRO B 77 0.80 -10.10 -9.76
CA PRO B 77 -0.59 -10.22 -9.32
C PRO B 77 -1.60 -9.97 -10.44
N SER B 78 -1.13 -9.35 -11.52
CA SER B 78 -2.01 -9.05 -12.66
C SER B 78 -2.24 -10.30 -13.50
N LYS B 79 -1.67 -11.41 -13.06
CA LYS B 79 -1.76 -12.66 -13.79
C LYS B 79 -2.44 -13.75 -12.98
N LEU B 80 -3.21 -13.33 -11.99
CA LEU B 80 -3.92 -14.26 -11.14
C LEU B 80 -5.36 -14.38 -11.57
N ASP B 81 -5.76 -15.58 -11.97
CA ASP B 81 -7.14 -15.83 -12.37
C ASP B 81 -7.49 -17.31 -12.24
N GLY B 82 -8.77 -17.60 -12.14
CA GLY B 82 -9.23 -18.97 -12.00
C GLY B 82 -9.28 -19.43 -10.56
N LYS B 83 -9.08 -20.73 -10.36
CA LYS B 83 -9.05 -21.28 -9.02
C LYS B 83 -7.82 -20.73 -8.28
N LEU B 84 -8.07 -19.98 -7.21
CA LEU B 84 -6.97 -19.38 -6.44
C LEU B 84 -6.85 -20.00 -5.08
N ARG B 85 -5.61 -20.14 -4.62
CA ARG B 85 -5.32 -20.66 -3.31
C ARG B 85 -4.62 -19.61 -2.47
N TRP B 86 -4.89 -19.58 -1.18
CA TRP B 86 -4.15 -18.71 -0.30
C TRP B 86 -3.47 -19.56 0.73
N GLN B 87 -2.16 -19.40 0.83
CA GLN B 87 -1.35 -20.06 1.85
C GLN B 87 -0.84 -18.98 2.76
N LEU B 88 -1.31 -19.05 4.01
CA LEU B 88 -0.97 -18.10 5.06
C LEU B 88 0.18 -18.60 5.90
N VAL B 89 1.29 -17.86 5.87
CA VAL B 89 2.51 -18.26 6.55
C VAL B 89 2.69 -17.42 7.81
N GLY B 90 2.92 -18.09 8.94
CA GLY B 90 3.14 -17.42 10.21
C GLY B 90 3.33 -18.45 11.32
N HIS B 91 3.72 -17.99 12.50
CA HIS B 91 3.79 -18.86 13.68
C HIS B 91 2.47 -18.95 14.40
N GLY B 92 2.09 -20.17 14.78
CA GLY B 92 0.95 -20.35 15.67
C GLY B 92 1.49 -20.22 17.08
N ARG B 93 0.80 -19.43 17.90
CA ARG B 93 1.24 -19.24 19.26
C ARG B 93 0.04 -19.30 20.19
N ASP B 94 0.32 -19.17 21.49
CA ASP B 94 -0.70 -19.07 22.52
C ASP B 94 -1.56 -20.35 22.62
N HIS B 95 -0.88 -21.43 23.00
CA HIS B 95 -1.45 -22.77 23.13
C HIS B 95 -2.58 -22.85 24.15
N SER B 96 -3.52 -23.76 23.93
CA SER B 96 -4.64 -23.94 24.87
C SER B 96 -5.27 -25.31 24.70
N GLU B 97 -6.39 -25.52 25.40
CA GLU B 97 -7.11 -26.78 25.30
C GLU B 97 -7.35 -27.14 23.83
N THR B 98 -7.61 -26.14 23.00
CA THR B 98 -7.92 -26.40 21.58
C THR B 98 -6.71 -26.15 20.69
N ASN B 99 -5.53 -26.16 21.29
CA ASN B 99 -4.29 -25.83 20.59
C ASN B 99 -4.09 -24.32 20.37
N ASN B 100 -3.31 -23.96 19.36
CA ASN B 100 -2.90 -22.57 19.22
C ASN B 100 -4.11 -21.67 18.98
N THR B 101 -4.14 -20.50 19.63
CA THR B 101 -5.27 -19.58 19.47
C THR B 101 -4.91 -18.38 18.60
N ARG B 102 -3.65 -18.25 18.21
CA ARG B 102 -3.23 -17.12 17.39
C ARG B 102 -2.24 -17.45 16.29
N LEU B 103 -2.51 -16.94 15.09
CA LEU B 103 -1.56 -17.02 13.99
C LEU B 103 -0.94 -15.63 13.78
N SER B 104 0.37 -15.52 13.93
CA SER B 104 1.06 -14.24 13.74
C SER B 104 0.43 -13.16 14.61
N GLY B 105 0.06 -13.54 15.82
CA GLY B 105 -0.46 -12.57 16.78
C GLY B 105 -1.91 -12.23 16.60
N TYR B 106 -2.55 -12.83 15.60
CA TYR B 106 -3.95 -12.54 15.27
C TYR B 106 -4.89 -13.64 15.75
N SER B 107 -5.94 -13.26 16.47
CA SER B 107 -7.00 -14.23 16.77
C SER B 107 -7.68 -14.64 15.44
N ALA B 108 -8.47 -15.71 15.48
CA ALA B 108 -9.17 -16.18 14.28
C ALA B 108 -10.10 -15.10 13.67
N ASP B 109 -10.85 -14.43 14.52
CA ASP B 109 -11.76 -13.36 14.06
C ASP B 109 -11.01 -12.21 13.42
N GLU B 110 -9.94 -11.78 14.11
CA GLU B 110 -9.14 -10.66 13.70
C GLU B 110 -8.51 -10.94 12.37
N LEU B 111 -7.98 -12.15 12.24
CA LEU B 111 -7.30 -12.53 11.01
C LEU B 111 -8.28 -12.41 9.86
N ALA B 112 -9.53 -12.82 10.10
CA ALA B 112 -10.54 -12.82 9.06
C ALA B 112 -10.83 -11.41 8.55
N VAL B 113 -11.09 -10.50 9.47
CA VAL B 113 -11.28 -9.11 9.11
C VAL B 113 -10.08 -8.63 8.31
N LYS B 114 -8.88 -9.00 8.75
CA LYS B 114 -7.67 -8.55 8.08
C LYS B 114 -7.60 -9.02 6.62
N LEU B 115 -7.92 -10.29 6.40
CA LEU B 115 -7.82 -10.87 5.07
C LEU B 115 -8.92 -10.27 4.20
N ALA B 116 -10.09 -10.06 4.79
CA ALA B 116 -11.20 -9.44 4.08
C ALA B 116 -10.79 -8.05 3.61
N LYS B 117 -10.18 -7.28 4.51
CA LYS B 117 -9.72 -5.94 4.15
C LYS B 117 -8.67 -6.02 3.07
N PHE B 118 -7.76 -6.96 3.22
CA PHE B 118 -6.67 -7.11 2.28
C PHE B 118 -7.27 -7.39 0.93
N GLN B 119 -8.30 -8.23 0.90
CA GLN B 119 -8.96 -8.57 -0.34
C GLN B 119 -9.46 -7.32 -1.05
N GLN B 120 -10.16 -6.46 -0.32
CA GLN B 120 -10.74 -5.29 -0.93
C GLN B 120 -9.61 -4.45 -1.47
N SER B 121 -8.60 -4.25 -0.64
CA SER B 121 -7.49 -3.38 -0.99
C SER B 121 -6.66 -3.91 -2.18
N PHE B 122 -6.25 -5.18 -2.11
CA PHE B 122 -5.48 -5.82 -3.18
C PHE B 122 -6.21 -5.83 -4.53
N ASN B 123 -7.52 -6.08 -4.49
CA ASN B 123 -8.29 -6.15 -5.72
C ASN B 123 -8.41 -4.80 -6.41
N GLN B 124 -8.44 -3.71 -5.62
CA GLN B 124 -8.44 -2.38 -6.22
C GLN B 124 -7.10 -2.02 -6.87
N ALA B 125 -6.04 -2.02 -6.07
CA ALA B 125 -4.69 -1.64 -6.51
C ALA B 125 -4.11 -2.58 -7.57
N GLU B 126 -4.82 -3.65 -7.84
CA GLU B 126 -4.33 -4.66 -8.75
C GLU B 126 -5.36 -4.95 -9.84
N ASN B 127 -6.60 -4.57 -9.57
CA ASN B 127 -7.67 -4.82 -10.53
C ASN B 127 -7.78 -6.31 -10.88
N ILE B 128 -8.21 -7.11 -9.91
CA ILE B 128 -8.47 -8.53 -10.13
C ILE B 128 -9.63 -8.92 -9.21
N ASN B 129 -10.84 -8.94 -9.76
CA ASN B 129 -12.03 -9.32 -9.01
C ASN B 129 -12.02 -10.82 -8.77
N ASN B 130 -11.02 -11.31 -8.07
CA ASN B 130 -10.93 -12.74 -7.81
C ASN B 130 -10.65 -13.07 -6.35
N LYS B 131 -11.57 -13.81 -5.74
CA LYS B 131 -11.42 -14.24 -4.36
C LYS B 131 -10.85 -15.64 -4.33
N PRO B 132 -10.38 -16.08 -3.16
CA PRO B 132 -9.78 -17.40 -3.05
C PRO B 132 -10.82 -18.51 -2.96
N ASP B 133 -10.43 -19.72 -3.32
CA ASP B 133 -11.34 -20.86 -3.27
C ASP B 133 -10.95 -21.76 -2.13
N HIS B 134 -9.67 -21.70 -1.77
CA HIS B 134 -9.15 -22.50 -0.69
C HIS B 134 -8.08 -21.74 0.06
N ILE B 135 -8.11 -21.82 1.36
CA ILE B 135 -7.12 -21.18 2.17
C ILE B 135 -6.43 -22.22 3.00
N SER B 136 -5.14 -22.41 2.75
CA SER B 136 -4.29 -23.32 3.52
C SER B 136 -3.51 -22.57 4.60
N ILE B 137 -3.78 -22.91 5.86
CA ILE B 137 -3.13 -22.23 6.96
C ILE B 137 -1.80 -22.89 7.28
N VAL B 138 -0.71 -22.22 6.94
CA VAL B 138 0.62 -22.75 7.21
C VAL B 138 1.19 -22.19 8.51
N GLY B 139 0.77 -22.80 9.61
CA GLY B 139 1.30 -22.49 10.93
C GLY B 139 1.11 -23.68 11.85
N CYS B 140 1.85 -23.72 12.95
CA CYS B 140 1.72 -24.85 13.88
C CYS B 140 0.41 -25.03 14.68
N SER B 141 -0.15 -26.23 14.58
CA SER B 141 -1.38 -26.62 15.26
C SER B 141 -2.50 -25.63 15.58
N LEU B 142 -3.12 -25.14 14.50
CA LEU B 142 -4.15 -24.13 14.58
C LEU B 142 -5.55 -24.79 14.46
N VAL B 143 -5.64 -26.01 14.97
CA VAL B 143 -6.92 -26.71 15.16
C VAL B 143 -6.73 -27.76 16.25
N SER B 144 -7.81 -28.11 16.94
CA SER B 144 -7.76 -29.07 18.03
C SER B 144 -7.31 -30.43 17.52
N ASP B 145 -6.68 -31.22 18.39
CA ASP B 145 -6.23 -32.55 17.98
C ASP B 145 -7.36 -33.38 17.36
N ASP B 146 -8.55 -33.28 17.94
CA ASP B 146 -9.71 -34.02 17.46
C ASP B 146 -10.32 -33.35 16.22
N LYS B 147 -9.62 -32.35 15.68
CA LYS B 147 -10.12 -31.59 14.55
C LYS B 147 -11.61 -31.27 14.72
N GLN B 148 -12.00 -30.95 15.95
CA GLN B 148 -13.39 -30.62 16.25
C GLN B 148 -13.55 -29.16 16.66
N LYS B 149 -12.46 -28.57 17.14
CA LYS B 149 -12.49 -27.19 17.57
C LYS B 149 -11.17 -26.48 17.25
N GLY B 150 -11.05 -25.26 17.77
CA GLY B 150 -9.80 -24.53 17.64
C GLY B 150 -9.87 -23.41 16.63
N PHE B 151 -8.71 -22.81 16.40
CA PHE B 151 -8.54 -21.68 15.50
C PHE B 151 -9.15 -21.92 14.12
N GLY B 152 -8.89 -23.10 13.53
CA GLY B 152 -9.46 -23.45 12.21
C GLY B 152 -10.97 -23.18 12.08
N HIS B 153 -11.74 -23.66 13.06
CA HIS B 153 -13.19 -23.53 13.01
C HIS B 153 -13.64 -22.08 13.18
N GLN B 154 -13.15 -21.43 14.23
CA GLN B 154 -13.49 -20.05 14.45
C GLN B 154 -13.14 -19.25 13.18
N PHE B 155 -12.04 -19.62 12.54
CA PHE B 155 -11.57 -18.92 11.33
C PHE B 155 -12.51 -19.08 10.14
N ILE B 156 -12.83 -20.32 9.81
CA ILE B 156 -13.70 -20.56 8.65
C ILE B 156 -15.05 -19.86 8.83
N ASN B 157 -15.53 -19.81 10.07
CA ASN B 157 -16.78 -19.12 10.38
C ASN B 157 -16.62 -17.62 10.21
N ALA B 158 -15.56 -17.07 10.80
CA ALA B 158 -15.33 -15.64 10.74
C ALA B 158 -15.10 -15.14 9.31
N MET B 159 -14.51 -15.99 8.47
CA MET B 159 -14.27 -15.63 7.08
C MET B 159 -15.61 -15.53 6.33
N ASP B 160 -16.51 -16.44 6.64
CA ASP B 160 -17.84 -16.38 6.06
C ASP B 160 -18.47 -15.04 6.43
N ALA B 161 -18.39 -14.69 7.71
CA ALA B 161 -19.02 -13.50 8.23
C ALA B 161 -18.46 -12.25 7.57
N ASN B 162 -17.25 -12.40 7.01
CA ASN B 162 -16.60 -11.28 6.34
C ASN B 162 -16.63 -11.41 4.82
N GLY B 163 -17.64 -12.11 4.33
CA GLY B 163 -17.91 -12.15 2.90
C GLY B 163 -17.04 -13.12 2.14
N LEU B 164 -16.23 -13.89 2.84
CA LEU B 164 -15.32 -14.82 2.18
C LEU B 164 -15.63 -16.26 2.59
N ARG B 165 -16.58 -16.89 1.90
CA ARG B 165 -16.91 -18.27 2.21
C ARG B 165 -15.95 -19.15 1.43
N VAL B 166 -15.10 -19.86 2.15
CA VAL B 166 -14.05 -20.65 1.52
C VAL B 166 -13.67 -21.84 2.33
N ASP B 167 -13.04 -22.80 1.69
CA ASP B 167 -12.58 -23.99 2.38
C ASP B 167 -11.26 -23.67 3.06
N VAL B 168 -11.02 -24.32 4.19
CA VAL B 168 -9.87 -24.02 5.00
C VAL B 168 -9.13 -25.30 5.33
N SER B 169 -7.83 -25.29 5.08
CA SER B 169 -6.96 -26.39 5.40
C SER B 169 -6.07 -26.00 6.59
N VAL B 170 -5.98 -26.85 7.61
CA VAL B 170 -5.26 -26.51 8.84
C VAL B 170 -4.71 -27.76 9.55
N ARG B 171 -3.62 -27.60 10.29
CA ARG B 171 -2.94 -28.71 10.95
C ARG B 171 -3.09 -28.64 12.47
N SER B 172 -3.06 -29.80 13.11
CA SER B 172 -3.22 -29.85 14.58
C SER B 172 -1.91 -30.16 15.31
N SER B 173 -0.82 -30.28 14.54
CA SER B 173 0.48 -30.53 15.13
C SER B 173 1.48 -29.45 14.74
N GLU B 174 2.74 -29.66 15.09
CA GLU B 174 3.81 -28.77 14.68
C GLU B 174 4.04 -28.93 13.19
N LEU B 175 4.15 -27.82 12.49
CA LEU B 175 4.28 -27.85 11.04
C LEU B 175 5.65 -27.31 10.62
N ALA B 176 6.20 -27.87 9.56
CA ALA B 176 7.48 -27.38 9.05
C ALA B 176 7.46 -27.46 7.54
N VAL B 177 8.27 -26.60 6.92
CA VAL B 177 8.40 -26.58 5.47
C VAL B 177 9.86 -26.74 5.11
N ASP B 178 10.13 -27.55 4.08
CA ASP B 178 11.52 -27.81 3.70
C ASP B 178 11.93 -26.92 2.55
N GLU B 179 13.18 -27.05 2.14
CA GLU B 179 13.73 -26.27 1.03
C GLU B 179 12.93 -26.51 -0.26
N ALA B 180 12.26 -27.66 -0.33
CA ALA B 180 11.46 -28.01 -1.50
C ALA B 180 10.05 -27.39 -1.51
N GLY B 181 9.67 -26.75 -0.41
CA GLY B 181 8.37 -26.09 -0.32
C GLY B 181 7.29 -27.06 0.14
N ARG B 182 7.71 -28.23 0.61
CA ARG B 182 6.77 -29.24 1.05
C ARG B 182 6.61 -29.16 2.55
N LYS B 183 5.42 -29.58 3.01
CA LYS B 183 5.08 -29.48 4.41
C LYS B 183 5.37 -30.79 5.14
N HIS B 184 5.78 -30.69 6.40
CA HIS B 184 6.04 -31.87 7.21
C HIS B 184 5.27 -31.79 8.51
N THR B 185 4.89 -32.93 9.05
CA THR B 185 4.23 -32.95 10.36
C THR B 185 5.03 -33.69 11.42
N LYS B 186 4.55 -33.56 12.65
CA LYS B 186 5.12 -34.30 13.74
C LYS B 186 4.03 -35.20 14.30
N ASP B 187 4.24 -36.52 14.21
CA ASP B 187 3.29 -37.49 14.77
C ASP B 187 3.42 -37.56 16.29
N ALA B 188 2.51 -38.31 16.94
CA ALA B 188 2.51 -38.45 18.41
C ALA B 188 3.75 -39.22 18.88
N ASN B 189 4.47 -39.82 17.94
CA ASN B 189 5.71 -40.51 18.23
C ASN B 189 6.86 -39.53 18.48
N GLY B 190 6.71 -38.31 17.97
CA GLY B 190 7.73 -37.30 18.14
C GLY B 190 8.51 -36.98 16.86
N ASP B 191 8.53 -37.92 15.91
CA ASP B 191 9.32 -37.72 14.70
C ASP B 191 8.55 -37.01 13.58
N TRP B 192 9.28 -36.61 12.53
CA TRP B 192 8.73 -35.75 11.49
C TRP B 192 8.35 -36.52 10.24
N VAL B 193 7.07 -36.86 10.15
CA VAL B 193 6.54 -37.64 9.02
C VAL B 193 6.13 -36.74 7.86
N GLN B 194 5.55 -37.35 6.83
CA GLN B 194 5.03 -36.62 5.67
C GLN B 194 3.69 -37.14 5.25
N LYS B 195 2.79 -36.24 4.83
CA LYS B 195 1.49 -36.63 4.31
C LYS B 195 0.58 -37.34 5.34
N ALA B 196 0.72 -36.98 6.61
CA ALA B 196 -0.07 -37.61 7.68
C ALA B 196 -1.40 -36.89 7.89
N GLU B 197 -2.44 -37.33 7.20
CA GLU B 197 -3.72 -36.62 7.24
C GLU B 197 -4.29 -36.52 8.64
N ASN B 198 -3.90 -37.45 9.49
CA ASN B 198 -4.37 -37.47 10.86
C ASN B 198 -3.92 -36.23 11.62
N ASN B 199 -2.93 -35.53 11.06
CA ASN B 199 -2.39 -34.31 11.65
C ASN B 199 -2.96 -33.08 10.96
N LYS B 200 -3.90 -33.33 10.05
CA LYS B 200 -4.44 -32.27 9.21
C LYS B 200 -5.96 -32.39 9.12
N VAL B 201 -6.62 -31.39 8.55
CA VAL B 201 -8.04 -31.45 8.32
C VAL B 201 -8.43 -30.36 7.33
N SER B 202 -9.45 -30.64 6.54
CA SER B 202 -9.96 -29.68 5.56
C SER B 202 -11.39 -29.32 5.90
N LEU B 203 -11.61 -28.10 6.38
CA LEU B 203 -12.94 -27.68 6.73
C LEU B 203 -13.64 -27.15 5.49
N SER B 204 -14.92 -27.46 5.32
CA SER B 204 -15.57 -27.16 4.04
C SER B 204 -17.10 -26.96 4.12
N TRP B 205 -17.58 -25.89 3.50
CA TRP B 205 -19.02 -25.60 3.50
C TRP B 205 -19.85 -26.61 2.68
N LYS C 4 22.26 10.00 -30.16
CA LYS C 4 22.10 9.19 -28.91
C LYS C 4 20.78 8.42 -28.90
N ILE C 5 20.89 7.14 -29.20
CA ILE C 5 19.77 6.21 -29.22
C ILE C 5 18.92 6.30 -27.98
N LEU C 6 17.61 6.45 -28.17
CA LEU C 6 16.66 6.50 -27.07
C LEU C 6 16.16 5.10 -26.69
N HIS C 7 16.23 4.78 -25.40
CA HIS C 7 15.75 3.49 -24.89
C HIS C 7 14.99 3.74 -23.60
N ASN C 8 13.67 3.74 -23.67
CA ASN C 8 12.84 4.02 -22.51
C ASN C 8 11.78 2.97 -22.24
N GLN C 9 11.86 1.85 -22.96
CA GLN C 9 10.89 0.77 -22.82
C GLN C 9 11.46 -0.34 -21.95
N ASN C 10 10.57 -1.21 -21.44
CA ASN C 10 10.97 -2.41 -20.69
C ASN C 10 12.11 -2.23 -19.67
N VAL C 11 11.80 -1.66 -18.52
CA VAL C 11 12.80 -1.37 -17.49
C VAL C 11 13.70 -2.55 -17.16
N ASN C 12 13.17 -3.76 -17.30
CA ASN C 12 13.93 -4.98 -17.00
C ASN C 12 15.09 -5.28 -17.93
N SER C 13 15.16 -4.58 -19.04
CA SER C 13 16.28 -4.78 -19.96
C SER C 13 17.36 -3.75 -19.71
N TRP C 14 17.05 -2.71 -18.94
CA TRP C 14 18.02 -1.62 -18.69
C TRP C 14 19.27 -2.12 -18.00
N GLY C 15 20.37 -1.39 -18.18
CA GLY C 15 21.61 -1.73 -17.51
C GLY C 15 21.57 -1.29 -16.07
N PRO C 16 22.47 -1.84 -15.24
CA PRO C 16 22.51 -1.51 -13.81
C PRO C 16 23.33 -0.27 -13.52
N ILE C 17 23.45 0.08 -12.25
CA ILE C 17 24.27 1.21 -11.84
C ILE C 17 25.09 0.87 -10.60
N THR C 18 26.24 1.52 -10.45
CA THR C 18 27.00 1.43 -9.20
C THR C 18 27.17 2.82 -8.59
N VAL C 19 26.65 3.01 -7.39
CA VAL C 19 26.72 4.28 -6.69
C VAL C 19 27.87 4.32 -5.66
N THR C 20 28.65 5.39 -5.70
CA THR C 20 29.80 5.56 -4.82
C THR C 20 29.60 6.86 -4.06
N PRO C 21 29.52 6.78 -2.72
CA PRO C 21 29.20 7.91 -1.84
C PRO C 21 30.22 9.04 -1.91
N THR C 22 29.82 10.27 -1.67
CA THR C 22 30.81 11.35 -1.63
C THR C 22 30.93 11.94 -0.28
N THR C 23 31.92 12.78 -0.11
CA THR C 23 32.22 13.35 1.19
C THR C 23 31.98 14.85 1.21
N ASP C 24 31.72 15.43 0.04
CA ASP C 24 31.55 16.88 -0.08
C ASP C 24 30.10 17.25 -0.35
N GLY C 25 29.20 16.30 -0.19
CA GLY C 25 27.79 16.58 -0.44
C GLY C 25 27.23 17.77 0.32
N GLY C 26 27.75 18.02 1.53
CA GLY C 26 27.21 19.08 2.35
C GLY C 26 25.76 18.80 2.72
N GLU C 27 25.03 19.88 3.02
CA GLU C 27 23.65 19.79 3.48
C GLU C 27 22.68 19.78 2.32
N THR C 28 21.42 19.50 2.62
CA THR C 28 20.38 19.50 1.60
C THR C 28 19.03 19.76 2.27
N ARG C 29 18.22 20.59 1.65
CA ARG C 29 16.95 20.95 2.21
C ARG C 29 15.94 19.86 2.10
N PHE C 30 16.36 18.70 1.66
CA PHE C 30 15.43 17.58 1.46
C PHE C 30 15.78 16.36 2.32
N ASP C 31 14.79 15.88 3.08
CA ASP C 31 14.98 14.73 3.96
C ASP C 31 15.14 13.45 3.14
N GLY C 32 14.96 13.59 1.83
CA GLY C 32 15.00 12.46 0.94
C GLY C 32 14.74 12.91 -0.48
N GLN C 33 15.24 12.13 -1.43
CA GLN C 33 14.99 12.46 -2.83
C GLN C 33 14.94 11.19 -3.67
N ILE C 34 14.21 11.27 -4.77
CA ILE C 34 14.21 10.17 -5.72
C ILE C 34 14.89 10.59 -7.03
N ILE C 35 15.94 9.87 -7.40
CA ILE C 35 16.59 10.13 -8.67
C ILE C 35 15.88 9.21 -9.63
N VAL C 36 15.18 9.80 -10.60
CA VAL C 36 14.43 9.02 -11.57
C VAL C 36 15.16 8.94 -12.91
N GLN C 37 15.75 7.79 -13.18
CA GLN C 37 16.43 7.57 -14.44
C GLN C 37 15.36 7.28 -15.48
N MET C 38 15.19 8.22 -16.42
CA MET C 38 14.12 8.14 -17.44
C MET C 38 14.45 7.30 -18.67
N GLU C 39 15.71 6.92 -18.84
CA GLU C 39 16.11 6.14 -20.01
C GLU C 39 17.35 5.31 -19.79
N ASN C 40 17.49 4.25 -20.57
CA ASN C 40 18.61 3.32 -20.44
C ASN C 40 19.82 3.75 -21.28
N ASP C 41 20.40 4.90 -20.93
CA ASP C 41 21.55 5.42 -21.63
C ASP C 41 22.71 5.48 -20.64
N PRO C 42 23.90 5.04 -21.08
CA PRO C 42 25.12 4.94 -20.25
C PRO C 42 25.42 6.24 -19.49
N VAL C 43 25.33 7.39 -20.18
CA VAL C 43 25.65 8.68 -19.60
C VAL C 43 24.56 9.04 -18.61
N VAL C 44 23.31 8.82 -19.01
CA VAL C 44 22.17 9.10 -18.14
C VAL C 44 22.25 8.26 -16.87
N ALA C 45 22.63 7.00 -17.01
CA ALA C 45 22.75 6.09 -15.87
C ALA C 45 23.84 6.54 -14.88
N LYS C 46 25.04 6.84 -15.38
CA LYS C 46 26.11 7.24 -14.50
C LYS C 46 25.82 8.59 -13.83
N ALA C 47 25.07 9.45 -14.51
CA ALA C 47 24.72 10.74 -13.96
C ALA C 47 23.74 10.57 -12.81
N ALA C 48 22.82 9.62 -12.97
CA ALA C 48 21.86 9.30 -11.93
C ALA C 48 22.56 8.80 -10.68
N ALA C 49 23.48 7.86 -10.88
CA ALA C 49 24.23 7.27 -9.80
C ALA C 49 25.02 8.34 -9.05
N ASN C 50 25.62 9.27 -9.79
CA ASN C 50 26.42 10.35 -9.21
C ASN C 50 25.59 11.28 -8.34
N LEU C 51 24.41 11.61 -8.82
CA LEU C 51 23.50 12.46 -8.06
C LEU C 51 23.15 11.84 -6.73
N ALA C 52 22.87 10.54 -6.73
CA ALA C 52 22.55 9.85 -5.49
C ALA C 52 23.76 9.81 -4.54
N GLY C 53 24.96 9.72 -5.09
CA GLY C 53 26.17 9.71 -4.29
C GLY C 53 26.45 11.01 -3.53
N LYS C 54 25.85 12.10 -3.95
CA LYS C 54 26.01 13.36 -3.24
C LYS C 54 25.35 13.26 -1.86
N HIS C 55 24.29 12.46 -1.77
CA HIS C 55 23.62 12.19 -0.52
C HIS C 55 23.27 10.71 -0.50
N ALA C 56 24.29 9.87 -0.35
CA ALA C 56 24.12 8.44 -0.58
C ALA C 56 23.23 7.77 0.45
N GLU C 57 22.92 8.49 1.53
CA GLU C 57 22.21 7.91 2.67
C GLU C 57 20.73 8.25 2.66
N SER C 58 20.36 9.32 1.95
CA SER C 58 18.97 9.75 1.92
C SER C 58 18.41 9.87 0.49
N SER C 59 18.97 9.10 -0.44
CA SER C 59 18.60 9.17 -1.85
C SER C 59 18.26 7.79 -2.41
N VAL C 60 17.17 7.73 -3.18
CA VAL C 60 16.79 6.52 -3.86
C VAL C 60 16.88 6.73 -5.38
N VAL C 61 17.39 5.74 -6.09
CA VAL C 61 17.43 5.81 -7.54
C VAL C 61 16.45 4.81 -8.14
N VAL C 62 15.54 5.33 -8.95
CA VAL C 62 14.51 4.51 -9.59
C VAL C 62 14.64 4.56 -11.10
N GLN C 63 14.59 3.39 -11.74
CA GLN C 63 14.51 3.29 -13.20
C GLN C 63 13.06 3.15 -13.67
N LEU C 64 12.56 4.12 -14.43
CA LEU C 64 11.15 4.15 -14.84
C LEU C 64 10.97 4.10 -16.37
N ASP C 65 10.27 3.09 -16.88
CA ASP C 65 10.08 2.93 -18.32
C ASP C 65 8.80 3.54 -18.86
N SER C 66 8.58 3.40 -20.16
CA SER C 66 7.45 4.05 -20.86
C SER C 66 6.07 3.44 -20.54
N ASP C 67 6.07 2.18 -20.10
CA ASP C 67 4.84 1.51 -19.67
C ASP C 67 4.46 1.97 -18.26
N GLY C 68 5.28 2.83 -17.67
CA GLY C 68 5.07 3.30 -16.29
C GLY C 68 5.61 2.33 -15.26
N ASN C 69 6.26 1.27 -15.72
CA ASN C 69 6.91 0.37 -14.81
C ASN C 69 8.20 0.99 -14.27
N TYR C 70 8.72 0.39 -13.19
CA TYR C 70 9.93 0.85 -12.55
C TYR C 70 10.57 -0.23 -11.69
N ARG C 71 11.76 0.08 -11.17
CA ARG C 71 12.43 -0.81 -10.24
C ARG C 71 13.50 0.00 -9.53
N VAL C 72 13.56 -0.14 -8.21
CA VAL C 72 14.54 0.55 -7.40
C VAL C 72 15.89 -0.09 -7.66
N VAL C 73 16.90 0.75 -7.92
CA VAL C 73 18.26 0.24 -8.17
C VAL C 73 19.30 0.75 -7.16
N TYR C 74 18.86 1.58 -6.22
CA TYR C 74 19.71 2.03 -5.15
C TYR C 74 18.87 2.71 -4.08
N GLY C 75 19.27 2.56 -2.81
CA GLY C 75 18.53 3.19 -1.71
C GLY C 75 17.34 2.38 -1.20
N ASP C 76 16.70 2.89 -0.16
CA ASP C 76 15.55 2.23 0.43
C ASP C 76 14.39 3.20 0.53
N PRO C 77 13.34 2.96 -0.29
CA PRO C 77 12.18 3.85 -0.37
C PRO C 77 11.47 3.98 0.98
N SER C 78 11.64 2.96 1.82
CA SER C 78 11.09 3.01 3.17
C SER C 78 11.37 4.34 3.85
N LYS C 79 12.64 4.74 3.88
CA LYS C 79 13.08 5.92 4.64
C LYS C 79 12.75 7.19 3.91
N LEU C 80 11.94 7.08 2.86
CA LEU C 80 11.52 8.26 2.17
C LEU C 80 10.42 8.94 2.98
N ASP C 81 10.75 10.09 3.57
CA ASP C 81 9.77 10.86 4.33
C ASP C 81 10.21 12.30 4.53
N GLY C 82 9.26 13.16 4.86
CA GLY C 82 9.57 14.56 5.04
C GLY C 82 9.66 15.26 3.69
N LYS C 83 10.41 16.35 3.65
CA LYS C 83 10.61 17.15 2.44
C LYS C 83 11.27 16.30 1.36
N LEU C 84 10.52 16.01 0.30
CA LEU C 84 11.03 15.20 -0.82
C LEU C 84 11.39 16.03 -2.05
N ARG C 85 12.38 15.55 -2.80
CA ARG C 85 12.82 16.18 -4.03
C ARG C 85 12.90 15.10 -5.08
N TRP C 86 12.55 15.46 -6.31
CA TRP C 86 12.62 14.57 -7.45
C TRP C 86 13.63 15.10 -8.48
N GLN C 87 14.69 14.36 -8.72
CA GLN C 87 15.63 14.72 -9.78
C GLN C 87 15.41 13.84 -11.02
N LEU C 88 14.89 14.44 -12.10
CA LEU C 88 14.65 13.68 -13.32
C LEU C 88 15.89 13.70 -14.21
N VAL C 89 16.38 12.53 -14.57
CA VAL C 89 17.59 12.41 -15.38
C VAL C 89 17.32 11.76 -16.72
N GLY C 90 17.62 12.49 -17.78
CA GLY C 90 17.42 12.00 -19.13
C GLY C 90 18.06 12.92 -20.15
N HIS C 91 18.09 12.50 -21.41
CA HIS C 91 18.64 13.40 -22.42
C HIS C 91 17.56 14.36 -22.89
N GLY C 92 17.89 15.65 -22.91
CA GLY C 92 17.00 16.63 -23.57
C GLY C 92 17.21 16.54 -25.08
N ARG C 93 16.12 16.40 -25.83
CA ARG C 93 16.23 16.28 -27.29
C ARG C 93 15.22 17.15 -28.06
N ASP C 94 15.45 17.25 -29.39
CA ASP C 94 14.51 17.90 -30.31
C ASP C 94 14.43 19.41 -30.10
N HIS C 95 15.44 20.09 -30.62
CA HIS C 95 15.57 21.53 -30.51
C HIS C 95 14.38 22.21 -31.20
N SER C 96 14.09 23.44 -30.78
CA SER C 96 13.03 24.25 -31.35
C SER C 96 13.32 25.70 -30.98
N GLU C 97 12.41 26.61 -31.34
CA GLU C 97 12.60 28.00 -30.99
C GLU C 97 12.67 28.15 -29.47
N THR C 98 11.97 27.26 -28.75
CA THR C 98 11.99 27.25 -27.29
C THR C 98 12.85 26.13 -26.69
N ASN C 99 13.99 25.87 -27.35
CA ASN C 99 14.94 24.82 -26.96
C ASN C 99 14.31 23.42 -26.96
N ASN C 100 15.03 22.44 -26.42
CA ASN C 100 14.56 21.04 -26.46
C ASN C 100 13.09 20.87 -26.09
N THR C 101 12.44 19.91 -26.74
CA THR C 101 11.01 19.72 -26.56
C THR C 101 10.69 18.34 -25.97
N ARG C 102 11.71 17.55 -25.69
CA ARG C 102 11.49 16.19 -25.21
C ARG C 102 12.55 15.70 -24.23
N LEU C 103 12.10 15.08 -23.16
CA LEU C 103 12.96 14.54 -22.11
C LEU C 103 12.87 13.01 -22.15
N SER C 104 13.95 12.36 -22.56
CA SER C 104 13.94 10.91 -22.77
C SER C 104 12.78 10.48 -23.67
N GLY C 105 12.49 11.28 -24.68
CA GLY C 105 11.47 10.94 -25.67
C GLY C 105 10.06 11.35 -25.31
N TYR C 106 9.86 11.92 -24.13
CA TYR C 106 8.53 12.36 -23.69
C TYR C 106 8.38 13.86 -23.81
N SER C 107 7.16 14.29 -24.17
CA SER C 107 6.81 15.71 -24.16
C SER C 107 6.48 16.20 -22.75
N ALA C 108 6.56 17.51 -22.56
CA ALA C 108 6.20 18.12 -21.29
C ALA C 108 4.90 17.52 -20.78
N ASP C 109 4.03 17.10 -21.70
CA ASP C 109 2.70 16.61 -21.35
C ASP C 109 2.76 15.14 -20.99
N GLU C 110 3.44 14.35 -21.82
CA GLU C 110 3.54 12.93 -21.57
C GLU C 110 4.35 12.63 -20.30
N LEU C 111 5.18 13.58 -19.90
CA LEU C 111 6.03 13.40 -18.73
C LEU C 111 5.19 13.51 -17.47
N ALA C 112 4.44 14.60 -17.36
CA ALA C 112 3.57 14.84 -16.23
C ALA C 112 2.54 13.73 -16.12
N VAL C 113 1.94 13.33 -17.23
CA VAL C 113 0.95 12.27 -17.18
C VAL C 113 1.60 11.05 -16.55
N LYS C 114 2.75 10.67 -17.07
CA LYS C 114 3.50 9.50 -16.65
C LYS C 114 4.06 9.53 -15.23
N LEU C 115 4.54 10.69 -14.84
CA LEU C 115 5.04 10.90 -13.49
C LEU C 115 3.90 10.82 -12.47
N ALA C 116 2.82 11.56 -12.73
CA ALA C 116 1.63 11.51 -11.89
C ALA C 116 1.20 10.06 -11.64
N LYS C 117 1.27 9.23 -12.67
CA LYS C 117 0.94 7.83 -12.51
C LYS C 117 2.05 7.08 -11.77
N PHE C 118 3.25 7.63 -11.78
CA PHE C 118 4.34 7.05 -11.02
C PHE C 118 4.13 7.37 -9.55
N GLN C 119 3.81 8.64 -9.27
CA GLN C 119 3.50 9.11 -7.93
C GLN C 119 2.47 8.22 -7.23
N GLN C 120 1.53 7.69 -8.01
CA GLN C 120 0.52 6.81 -7.45
C GLN C 120 1.09 5.40 -7.30
N SER C 121 1.69 4.89 -8.37
CA SER C 121 2.24 3.53 -8.36
C SER C 121 3.26 3.33 -7.22
N PHE C 122 4.04 4.39 -6.99
CA PHE C 122 5.10 4.35 -6.01
C PHE C 122 4.56 4.43 -4.58
N ASN C 123 3.82 5.51 -4.29
CA ASN C 123 3.13 5.68 -3.00
C ASN C 123 2.11 4.57 -2.70
N GLN C 124 2.08 3.54 -3.55
CA GLN C 124 1.18 2.43 -3.34
C GLN C 124 2.00 1.20 -3.06
N ALA C 125 3.01 0.98 -3.87
CA ALA C 125 3.85 -0.21 -3.71
C ALA C 125 4.89 -0.05 -2.60
N GLU C 126 5.21 1.20 -2.27
CA GLU C 126 6.21 1.49 -1.25
C GLU C 126 5.58 1.92 0.10
N ASN C 127 4.26 1.95 0.15
CA ASN C 127 3.58 2.38 1.36
C ASN C 127 4.20 3.61 2.01
N ILE C 128 4.10 4.75 1.33
CA ILE C 128 4.58 6.02 1.85
C ILE C 128 3.63 7.13 1.43
N ASN C 129 3.40 8.08 2.33
CA ASN C 129 2.52 9.20 2.02
C ASN C 129 3.32 10.47 1.77
N ASN C 130 3.81 10.64 0.54
CA ASN C 130 4.68 11.79 0.28
C ASN C 130 4.75 12.19 -1.20
N LYS C 131 4.71 13.50 -1.43
CA LYS C 131 4.75 14.05 -2.77
C LYS C 131 6.02 14.88 -2.89
N PRO C 132 6.57 15.00 -4.11
CA PRO C 132 7.72 15.87 -4.22
C PRO C 132 7.33 17.29 -3.94
N ASP C 133 8.15 17.99 -3.19
CA ASP C 133 7.95 19.42 -2.94
C ASP C 133 8.63 20.21 -4.04
N HIS C 134 9.57 19.55 -4.72
CA HIS C 134 10.38 20.15 -5.76
C HIS C 134 10.87 19.10 -6.76
N ILE C 135 10.82 19.45 -8.04
CA ILE C 135 11.34 18.57 -9.08
C ILE C 135 12.47 19.28 -9.83
N SER C 136 13.64 18.64 -9.85
CA SER C 136 14.79 19.17 -10.58
C SER C 136 14.89 18.45 -11.93
N ILE C 137 15.00 19.22 -13.02
CA ILE C 137 15.08 18.61 -14.34
C ILE C 137 16.53 18.53 -14.75
N VAL C 138 17.05 17.31 -14.84
CA VAL C 138 18.46 17.13 -15.15
C VAL C 138 18.60 16.63 -16.58
N GLY C 139 18.35 17.53 -17.52
CA GLY C 139 18.51 17.28 -18.95
C GLY C 139 18.90 18.57 -19.65
N CYS C 140 19.62 18.47 -20.75
CA CYS C 140 20.09 19.65 -21.49
C CYS C 140 18.97 20.61 -21.89
N SER C 141 19.18 21.90 -21.72
CA SER C 141 18.22 22.94 -22.11
C SER C 141 16.77 22.60 -22.29
N LEU C 142 16.04 22.35 -21.22
CA LEU C 142 14.64 21.98 -21.33
C LEU C 142 13.71 23.14 -20.96
N VAL C 143 14.21 24.35 -21.15
CA VAL C 143 13.41 25.55 -20.98
C VAL C 143 14.03 26.63 -21.87
N SER C 144 13.23 27.62 -22.28
CA SER C 144 13.69 28.62 -23.26
C SER C 144 14.70 29.56 -22.62
N ASP C 145 15.48 30.24 -23.47
CA ASP C 145 16.54 31.12 -23.00
C ASP C 145 15.99 32.18 -22.06
N ASP C 146 14.93 32.84 -22.47
CA ASP C 146 14.33 33.91 -21.67
C ASP C 146 13.53 33.31 -20.51
N LYS C 147 13.60 31.99 -20.36
CA LYS C 147 12.95 31.34 -19.23
C LYS C 147 11.43 31.50 -19.23
N GLN C 148 10.87 32.03 -20.31
CA GLN C 148 9.43 32.32 -20.36
C GLN C 148 8.57 31.22 -20.97
N LYS C 149 9.21 30.29 -21.68
CA LYS C 149 8.50 29.17 -22.31
C LYS C 149 9.36 27.93 -22.39
N GLY C 150 8.82 26.87 -22.99
CA GLY C 150 9.60 25.67 -23.20
C GLY C 150 9.11 24.51 -22.36
N PHE C 151 9.76 23.36 -22.53
CA PHE C 151 9.42 22.12 -21.83
C PHE C 151 9.08 22.41 -20.36
N GLY C 152 9.96 23.15 -19.69
CA GLY C 152 9.78 23.50 -18.30
C GLY C 152 8.39 23.99 -17.95
N HIS C 153 8.00 25.10 -18.56
CA HIS C 153 6.70 25.72 -18.29
C HIS C 153 5.58 24.76 -18.58
N GLN C 154 5.54 24.27 -19.80
CA GLN C 154 4.49 23.36 -20.17
C GLN C 154 4.43 22.21 -19.18
N PHE C 155 5.57 21.92 -18.56
CA PHE C 155 5.66 20.80 -17.63
C PHE C 155 5.14 21.21 -16.26
N ILE C 156 5.62 22.36 -15.79
CA ILE C 156 5.18 22.88 -14.51
C ILE C 156 3.65 22.98 -14.47
N ASN C 157 3.02 23.24 -15.62
CA ASN C 157 1.56 23.30 -15.69
C ASN C 157 0.88 21.96 -15.93
N ALA C 158 1.39 21.18 -16.88
CA ALA C 158 0.81 19.86 -17.12
C ALA C 158 0.77 19.06 -15.82
N MET C 159 1.73 19.32 -14.93
CA MET C 159 1.79 18.65 -13.63
C MET C 159 0.67 19.14 -12.73
N ASP C 160 0.67 20.44 -12.47
CA ASP C 160 -0.36 21.03 -11.66
C ASP C 160 -1.73 20.66 -12.23
N ALA C 161 -1.76 20.41 -13.54
CA ALA C 161 -3.00 20.02 -14.21
C ALA C 161 -3.37 18.58 -13.89
N ASN C 162 -2.38 17.80 -13.48
CA ASN C 162 -2.59 16.40 -13.14
C ASN C 162 -2.72 16.19 -11.63
N GLY C 163 -2.92 17.27 -10.91
CA GLY C 163 -3.06 17.21 -9.47
C GLY C 163 -1.75 17.09 -8.71
N LEU C 164 -0.75 17.83 -9.16
CA LEU C 164 0.59 17.76 -8.57
C LEU C 164 1.29 19.11 -8.70
N ARG C 165 0.69 20.15 -8.14
CA ARG C 165 1.27 21.48 -8.16
C ARG C 165 2.52 21.55 -7.29
N VAL C 166 3.69 21.57 -7.95
CA VAL C 166 4.96 21.63 -7.24
C VAL C 166 5.95 22.54 -7.96
N ASP C 167 7.05 22.85 -7.29
CA ASP C 167 8.09 23.70 -7.87
C ASP C 167 8.95 22.91 -8.84
N VAL C 168 9.52 23.60 -9.81
CA VAL C 168 10.33 22.91 -10.82
C VAL C 168 11.53 23.74 -11.22
N SER C 169 12.71 23.15 -11.08
CA SER C 169 13.93 23.79 -11.59
C SER C 169 14.33 23.15 -12.94
N VAL C 170 14.75 23.99 -13.88
CA VAL C 170 15.08 23.52 -15.21
C VAL C 170 16.13 24.43 -15.83
N ARG C 171 16.94 23.86 -16.71
CA ARG C 171 18.05 24.60 -17.32
C ARG C 171 17.79 24.96 -18.78
N SER C 172 18.24 26.14 -19.18
CA SER C 172 18.06 26.60 -20.54
C SER C 172 19.26 26.24 -21.40
N SER C 173 20.31 25.74 -20.77
CA SER C 173 21.55 25.46 -21.50
C SER C 173 21.93 23.99 -21.46
N GLU C 174 23.11 23.71 -21.98
CA GLU C 174 23.66 22.36 -21.96
C GLU C 174 23.96 22.05 -20.50
N LEU C 175 23.92 20.78 -20.12
CA LEU C 175 24.04 20.40 -18.71
C LEU C 175 24.86 19.14 -18.53
N ALA C 176 25.67 19.12 -17.49
CA ALA C 176 26.46 17.95 -17.19
C ALA C 176 26.60 17.76 -15.67
N VAL C 177 26.70 16.50 -15.25
CA VAL C 177 26.77 16.16 -13.85
C VAL C 177 28.11 15.52 -13.63
N ASP C 178 28.91 16.07 -12.71
CA ASP C 178 30.25 15.55 -12.46
C ASP C 178 30.23 14.38 -11.48
N GLU C 179 31.39 13.89 -11.09
CA GLU C 179 31.49 12.74 -10.21
C GLU C 179 31.05 13.03 -8.79
N ALA C 180 30.90 14.30 -8.46
CA ALA C 180 30.41 14.68 -7.15
C ALA C 180 28.90 14.89 -7.21
N GLY C 181 28.30 14.49 -8.34
CA GLY C 181 26.88 14.66 -8.52
C GLY C 181 26.49 16.14 -8.46
N ARG C 182 27.41 17.02 -8.86
CA ARG C 182 27.10 18.45 -8.99
C ARG C 182 26.82 18.82 -10.46
N LYS C 183 26.07 19.90 -10.66
CA LYS C 183 25.70 20.32 -12.02
C LYS C 183 26.66 21.36 -12.60
N HIS C 184 26.92 21.21 -13.90
CA HIS C 184 27.68 22.21 -14.63
C HIS C 184 26.86 22.60 -15.84
N THR C 185 26.93 23.88 -16.21
CA THR C 185 26.24 24.39 -17.39
C THR C 185 27.19 25.22 -18.24
N LYS C 186 26.73 25.71 -19.39
CA LYS C 186 27.60 26.46 -20.31
C LYS C 186 27.24 27.94 -20.35
N ASP C 187 28.24 28.80 -20.45
CA ASP C 187 27.97 30.24 -20.60
C ASP C 187 27.97 30.67 -22.08
N ALA C 188 28.07 31.97 -22.33
CA ALA C 188 28.08 32.49 -23.69
C ALA C 188 29.36 32.11 -24.43
N ASN C 189 30.41 31.86 -23.66
CA ASN C 189 31.69 31.49 -24.23
C ASN C 189 31.74 30.01 -24.59
N GLY C 190 30.75 29.27 -24.12
CA GLY C 190 30.73 27.81 -24.30
C GLY C 190 31.61 27.12 -23.28
N ASP C 191 31.97 27.83 -22.21
CA ASP C 191 32.72 27.24 -21.11
C ASP C 191 31.77 26.63 -20.08
N TRP C 192 32.15 25.48 -19.52
CA TRP C 192 31.38 24.85 -18.44
C TRP C 192 31.61 25.61 -17.14
N VAL C 193 30.53 26.02 -16.48
CA VAL C 193 30.62 26.77 -15.23
C VAL C 193 29.71 26.16 -14.19
N GLN C 194 29.74 26.73 -12.98
CA GLN C 194 28.87 26.29 -11.90
C GLN C 194 28.10 27.42 -11.24
N LYS C 195 27.00 27.06 -10.59
CA LYS C 195 26.13 28.03 -9.94
C LYS C 195 25.90 29.24 -10.86
N ALA C 196 25.78 28.96 -12.15
CA ALA C 196 25.36 29.99 -13.09
C ALA C 196 23.83 29.99 -13.12
N GLU C 197 23.24 30.80 -12.24
CA GLU C 197 21.79 30.89 -12.11
C GLU C 197 21.08 31.33 -13.39
N ASN C 198 21.79 32.04 -14.26
CA ASN C 198 21.20 32.48 -15.51
C ASN C 198 20.85 31.32 -16.44
N ASN C 199 21.50 30.17 -16.26
CA ASN C 199 21.25 28.98 -17.08
C ASN C 199 20.16 28.10 -16.48
N LYS C 200 19.50 28.62 -15.46
CA LYS C 200 18.54 27.83 -14.69
C LYS C 200 17.34 28.70 -14.32
N VAL C 201 16.18 28.09 -14.13
CA VAL C 201 15.03 28.85 -13.69
C VAL C 201 14.17 28.06 -12.71
N SER C 202 13.73 28.72 -11.65
CA SER C 202 12.87 28.06 -10.66
C SER C 202 11.43 28.51 -10.83
N LEU C 203 10.57 27.57 -11.22
CA LEU C 203 9.15 27.87 -11.43
C LEU C 203 8.30 27.52 -10.22
N SER C 204 8.14 28.51 -9.33
CA SER C 204 7.37 28.34 -8.08
C SER C 204 5.92 28.79 -8.23
N TRP C 205 5.14 28.62 -7.18
CA TRP C 205 3.77 29.11 -7.15
C TRP C 205 3.59 30.12 -6.01
N LYS D 4 -27.57 5.27 -32.98
CA LYS D 4 -28.22 6.30 -32.18
C LYS D 4 -29.75 6.57 -32.22
N ILE D 5 -30.52 6.34 -33.29
CA ILE D 5 -31.96 6.27 -33.08
C ILE D 5 -32.27 5.34 -31.90
N LEU D 6 -33.08 5.84 -30.97
CA LEU D 6 -33.50 5.07 -29.81
C LEU D 6 -34.78 4.30 -30.09
N HIS D 7 -34.70 2.96 -29.99
CA HIS D 7 -35.88 2.11 -30.13
C HIS D 7 -35.93 1.11 -28.98
N ASN D 8 -36.68 1.46 -27.94
CA ASN D 8 -36.82 0.57 -26.79
C ASN D 8 -38.27 0.17 -26.53
N GLN D 9 -39.17 0.54 -27.44
CA GLN D 9 -40.58 0.20 -27.34
C GLN D 9 -40.90 -1.09 -28.06
N ASN D 10 -41.96 -1.77 -27.63
CA ASN D 10 -42.48 -2.96 -28.32
C ASN D 10 -41.49 -4.05 -28.78
N VAL D 11 -41.02 -4.84 -27.82
CA VAL D 11 -40.03 -5.88 -28.07
C VAL D 11 -40.43 -6.79 -29.22
N ASN D 12 -41.69 -6.76 -29.64
CA ASN D 12 -42.09 -7.66 -30.72
C ASN D 12 -41.71 -7.12 -32.09
N SER D 13 -41.29 -5.86 -32.11
CA SER D 13 -40.88 -5.20 -33.35
C SER D 13 -39.37 -5.21 -33.48
N TRP D 14 -38.70 -5.89 -32.56
CA TRP D 14 -37.24 -5.89 -32.53
C TRP D 14 -36.71 -6.93 -33.48
N GLY D 15 -35.50 -6.73 -33.98
CA GLY D 15 -34.86 -7.74 -34.82
C GLY D 15 -34.32 -8.86 -33.94
N PRO D 16 -34.04 -10.02 -34.54
CA PRO D 16 -33.51 -11.14 -33.78
C PRO D 16 -31.99 -11.11 -33.70
N ILE D 17 -31.41 -12.07 -32.98
CA ILE D 17 -29.97 -12.15 -32.88
C ILE D 17 -29.49 -13.54 -33.22
N THR D 18 -28.22 -13.64 -33.64
CA THR D 18 -27.59 -14.91 -33.93
C THR D 18 -26.34 -15.09 -33.07
N VAL D 19 -26.33 -16.13 -32.24
CA VAL D 19 -25.18 -16.40 -31.37
C VAL D 19 -24.22 -17.42 -31.96
N THR D 20 -22.94 -17.08 -31.99
CA THR D 20 -21.91 -17.98 -32.50
C THR D 20 -21.11 -18.62 -31.36
N PRO D 21 -21.56 -19.81 -30.90
CA PRO D 21 -20.97 -20.52 -29.76
C PRO D 21 -19.45 -20.66 -29.86
N THR D 22 -18.73 -20.11 -28.87
CA THR D 22 -17.27 -20.23 -28.83
C THR D 22 -16.80 -20.96 -27.57
N THR D 23 -15.67 -21.65 -27.69
CA THR D 23 -15.09 -22.39 -26.56
C THR D 23 -13.65 -22.00 -26.23
N ASP D 24 -13.45 -20.74 -25.83
CA ASP D 24 -12.14 -20.25 -25.41
C ASP D 24 -12.32 -18.93 -24.66
N GLY D 25 -13.50 -18.74 -24.07
CA GLY D 25 -13.77 -17.61 -23.19
C GLY D 25 -13.31 -17.94 -21.78
N GLY D 26 -12.39 -18.89 -21.69
CA GLY D 26 -11.84 -19.32 -20.41
C GLY D 26 -12.94 -19.80 -19.49
N GLU D 27 -12.86 -19.38 -18.23
CA GLU D 27 -13.87 -19.75 -17.26
C GLU D 27 -14.42 -18.48 -16.63
N THR D 28 -15.72 -18.47 -16.36
CA THR D 28 -16.36 -17.28 -15.82
C THR D 28 -16.66 -17.47 -14.34
N ARG D 29 -16.73 -16.36 -13.62
CA ARG D 29 -16.98 -16.36 -12.19
C ARG D 29 -18.44 -16.72 -11.81
N PHE D 30 -19.33 -16.72 -12.81
CA PHE D 30 -20.76 -16.96 -12.57
C PHE D 30 -21.22 -18.28 -13.20
N ASP D 31 -22.13 -18.97 -12.51
CA ASP D 31 -22.73 -20.19 -13.02
C ASP D 31 -23.87 -19.87 -13.96
N GLY D 32 -23.71 -18.84 -14.77
CA GLY D 32 -24.76 -18.41 -15.68
C GLY D 32 -25.04 -16.92 -15.59
N GLN D 33 -25.45 -16.35 -16.72
CA GLN D 33 -25.60 -14.91 -16.82
C GLN D 33 -26.76 -14.57 -17.75
N ILE D 34 -27.18 -13.31 -17.74
CA ILE D 34 -28.24 -12.86 -18.62
C ILE D 34 -27.79 -11.61 -19.34
N ILE D 35 -27.69 -11.68 -20.66
CA ILE D 35 -27.41 -10.49 -21.44
C ILE D 35 -28.75 -9.85 -21.70
N VAL D 36 -28.97 -8.66 -21.13
CA VAL D 36 -30.21 -7.95 -21.31
C VAL D 36 -30.06 -6.87 -22.37
N GLN D 37 -30.58 -7.13 -23.56
CA GLN D 37 -30.58 -6.14 -24.62
C GLN D 37 -31.63 -5.07 -24.34
N MET D 38 -31.18 -3.85 -24.09
CA MET D 38 -32.08 -2.76 -23.66
C MET D 38 -32.64 -1.92 -24.79
N GLU D 39 -32.24 -2.20 -26.02
CA GLU D 39 -32.79 -1.47 -27.15
C GLU D 39 -32.63 -2.22 -28.47
N ASN D 40 -33.42 -1.83 -29.46
CA ASN D 40 -33.40 -2.48 -30.75
C ASN D 40 -32.44 -1.76 -31.68
N ASP D 41 -31.16 -1.92 -31.43
CA ASP D 41 -30.13 -1.35 -32.27
C ASP D 41 -29.25 -2.49 -32.79
N PRO D 42 -28.87 -2.43 -34.08
CA PRO D 42 -28.09 -3.48 -34.72
C PRO D 42 -26.77 -3.70 -33.98
N VAL D 43 -26.06 -2.61 -33.67
CA VAL D 43 -24.84 -2.67 -32.85
C VAL D 43 -25.08 -3.34 -31.50
N VAL D 44 -26.08 -2.85 -30.78
CA VAL D 44 -26.44 -3.40 -29.49
C VAL D 44 -26.72 -4.90 -29.58
N ALA D 45 -27.55 -5.28 -30.55
CA ALA D 45 -27.95 -6.66 -30.70
C ALA D 45 -26.76 -7.56 -30.93
N LYS D 46 -25.85 -7.13 -31.79
CA LYS D 46 -24.67 -7.92 -32.10
C LYS D 46 -23.80 -7.98 -30.86
N ALA D 47 -23.51 -6.82 -30.30
CA ALA D 47 -22.80 -6.75 -29.04
C ALA D 47 -23.35 -7.81 -28.08
N ALA D 48 -24.65 -7.73 -27.83
CA ALA D 48 -25.30 -8.65 -26.92
C ALA D 48 -25.14 -10.09 -27.39
N ALA D 49 -25.18 -10.27 -28.71
CA ALA D 49 -25.05 -11.61 -29.28
C ALA D 49 -23.69 -12.19 -28.93
N ASN D 50 -22.64 -11.42 -29.25
CA ASN D 50 -21.26 -11.78 -28.93
C ASN D 50 -21.04 -12.01 -27.46
N LEU D 51 -21.56 -11.10 -26.62
CA LEU D 51 -21.42 -11.29 -25.18
C LEU D 51 -21.85 -12.69 -24.75
N ALA D 52 -22.94 -13.18 -25.32
CA ALA D 52 -23.46 -14.49 -24.92
C ALA D 52 -22.59 -15.62 -25.46
N GLY D 53 -22.07 -15.42 -26.67
CA GLY D 53 -21.20 -16.40 -27.33
C GLY D 53 -20.00 -16.82 -26.49
N LYS D 54 -19.32 -15.84 -25.91
CA LYS D 54 -18.17 -16.12 -25.07
C LYS D 54 -18.44 -17.30 -24.14
N HIS D 55 -19.64 -17.32 -23.57
CA HIS D 55 -20.04 -18.39 -22.67
C HIS D 55 -21.42 -18.92 -23.08
N ALA D 56 -21.57 -19.17 -24.39
CA ALA D 56 -22.84 -19.69 -24.92
C ALA D 56 -23.38 -20.87 -24.13
N GLU D 57 -22.52 -21.53 -23.36
CA GLU D 57 -22.94 -22.65 -22.53
C GLU D 57 -24.08 -22.35 -21.56
N SER D 58 -23.89 -21.36 -20.70
CA SER D 58 -24.92 -21.00 -19.71
C SER D 58 -25.24 -19.50 -19.70
N SER D 59 -25.31 -18.90 -20.89
CA SER D 59 -25.75 -17.51 -21.00
C SER D 59 -27.11 -17.43 -21.65
N VAL D 60 -27.91 -16.45 -21.23
CA VAL D 60 -29.24 -16.24 -21.77
C VAL D 60 -29.41 -14.80 -22.24
N VAL D 61 -29.86 -14.60 -23.46
CA VAL D 61 -30.07 -13.25 -23.96
C VAL D 61 -31.53 -12.89 -23.92
N VAL D 62 -31.85 -11.76 -23.29
CA VAL D 62 -33.23 -11.33 -23.17
C VAL D 62 -33.39 -9.93 -23.76
N GLN D 63 -34.52 -9.69 -24.39
CA GLN D 63 -34.84 -8.37 -24.92
C GLN D 63 -35.96 -7.79 -24.09
N LEU D 64 -35.73 -6.59 -23.54
CA LEU D 64 -36.66 -6.00 -22.59
C LEU D 64 -37.04 -4.60 -23.01
N ASP D 65 -38.32 -4.39 -23.31
CA ASP D 65 -38.74 -3.11 -23.86
C ASP D 65 -39.18 -2.16 -22.76
N SER D 66 -39.58 -0.95 -23.14
CA SER D 66 -39.95 0.06 -22.17
C SER D 66 -41.27 -0.19 -21.47
N ASP D 67 -41.99 -1.22 -21.88
CA ASP D 67 -43.25 -1.55 -21.23
C ASP D 67 -43.07 -2.68 -20.23
N GLY D 68 -41.85 -3.17 -20.11
CA GLY D 68 -41.60 -4.29 -19.22
C GLY D 68 -41.80 -5.64 -19.88
N ASN D 69 -42.22 -5.63 -21.14
CA ASN D 69 -42.31 -6.88 -21.90
C ASN D 69 -40.95 -7.37 -22.36
N TYR D 70 -40.70 -8.67 -22.24
CA TYR D 70 -39.41 -9.23 -22.60
C TYR D 70 -39.60 -10.48 -23.43
N ARG D 71 -38.52 -10.96 -24.03
CA ARG D 71 -38.60 -12.22 -24.76
C ARG D 71 -37.21 -12.83 -24.88
N VAL D 72 -37.07 -14.08 -24.47
CA VAL D 72 -35.79 -14.77 -24.53
C VAL D 72 -35.45 -15.05 -25.98
N VAL D 73 -34.22 -14.75 -26.37
CA VAL D 73 -33.82 -14.92 -27.75
C VAL D 73 -32.74 -15.98 -27.90
N TYR D 74 -32.08 -16.31 -26.79
CA TYR D 74 -31.05 -17.33 -26.79
C TYR D 74 -30.99 -18.05 -25.45
N GLY D 75 -30.30 -19.18 -25.43
CA GLY D 75 -30.07 -19.93 -24.20
C GLY D 75 -31.32 -20.50 -23.55
N ASP D 76 -31.12 -21.32 -22.52
CA ASP D 76 -32.22 -21.95 -21.81
C ASP D 76 -32.38 -21.37 -20.41
N PRO D 77 -33.35 -20.46 -20.25
CA PRO D 77 -33.56 -19.82 -18.96
C PRO D 77 -33.97 -20.72 -17.78
N SER D 78 -34.58 -21.86 -18.08
CA SER D 78 -34.97 -22.81 -17.03
C SER D 78 -33.89 -23.68 -16.46
N LYS D 79 -32.66 -23.20 -16.46
CA LYS D 79 -31.58 -24.05 -16.11
C LYS D 79 -30.51 -23.34 -15.39
N LEU D 80 -30.50 -22.03 -15.41
CA LEU D 80 -29.37 -21.32 -14.85
C LEU D 80 -29.57 -21.14 -13.38
N ASP D 81 -28.49 -21.18 -12.61
CA ASP D 81 -28.65 -21.10 -11.17
C ASP D 81 -27.33 -20.82 -10.46
N GLY D 82 -27.43 -20.55 -9.16
CA GLY D 82 -26.26 -20.26 -8.34
C GLY D 82 -25.86 -18.80 -8.44
N LYS D 83 -24.65 -18.56 -8.93
CA LYS D 83 -24.13 -17.21 -9.04
C LYS D 83 -24.39 -16.68 -10.46
N LEU D 84 -25.22 -15.64 -10.55
CA LEU D 84 -25.57 -15.05 -11.85
C LEU D 84 -25.04 -13.63 -12.04
N ARG D 85 -24.82 -13.26 -13.30
CA ARG D 85 -24.48 -11.89 -13.65
C ARG D 85 -25.51 -11.35 -14.62
N TRP D 86 -25.60 -10.04 -14.70
CA TRP D 86 -26.45 -9.40 -15.71
C TRP D 86 -25.57 -8.41 -16.43
N GLN D 87 -25.33 -8.65 -17.72
CA GLN D 87 -24.66 -7.64 -18.52
C GLN D 87 -25.72 -6.84 -19.28
N LEU D 88 -25.89 -5.58 -18.89
CA LEU D 88 -26.88 -4.73 -19.52
C LEU D 88 -26.24 -4.13 -20.75
N VAL D 89 -26.88 -4.34 -21.90
CA VAL D 89 -26.33 -3.87 -23.16
C VAL D 89 -27.21 -2.79 -23.78
N GLY D 90 -26.59 -1.66 -24.11
CA GLY D 90 -27.30 -0.54 -24.73
C GLY D 90 -26.35 0.59 -25.11
N HIS D 91 -26.90 1.70 -25.55
CA HIS D 91 -26.13 2.90 -25.82
C HIS D 91 -26.23 3.86 -24.64
N GLY D 92 -25.09 4.37 -24.18
CA GLY D 92 -25.13 5.50 -23.23
C GLY D 92 -25.27 6.79 -24.01
N ARG D 93 -26.19 7.66 -23.60
CA ARG D 93 -26.43 8.87 -24.36
C ARG D 93 -26.58 10.05 -23.40
N ASP D 94 -26.72 11.25 -23.95
CA ASP D 94 -27.02 12.44 -23.16
C ASP D 94 -25.89 12.81 -22.20
N HIS D 95 -24.80 13.28 -22.77
CA HIS D 95 -23.61 13.60 -22.01
C HIS D 95 -23.90 14.70 -20.98
N SER D 96 -22.99 14.88 -20.03
CA SER D 96 -23.13 15.92 -19.01
C SER D 96 -21.82 16.14 -18.27
N GLU D 97 -21.89 16.91 -17.18
CA GLU D 97 -20.74 17.14 -16.32
C GLU D 97 -20.12 15.79 -15.90
N THR D 98 -20.96 14.78 -15.73
CA THR D 98 -20.47 13.50 -15.24
C THR D 98 -20.64 12.37 -16.26
N ASN D 99 -20.65 12.75 -17.54
CA ASN D 99 -20.81 11.76 -18.59
C ASN D 99 -22.27 11.33 -18.80
N ASN D 100 -22.49 10.40 -19.71
CA ASN D 100 -23.84 10.00 -20.10
C ASN D 100 -24.76 9.75 -18.92
N THR D 101 -25.99 10.26 -19.03
CA THR D 101 -26.96 10.12 -17.96
C THR D 101 -28.14 9.22 -18.31
N ARG D 102 -28.08 8.55 -19.46
CA ARG D 102 -29.14 7.62 -19.85
C ARG D 102 -28.64 6.40 -20.61
N LEU D 103 -29.03 5.23 -20.15
CA LEU D 103 -28.77 3.98 -20.86
C LEU D 103 -30.04 3.57 -21.63
N SER D 104 -29.90 3.38 -22.94
CA SER D 104 -31.04 3.02 -23.77
C SER D 104 -32.23 3.87 -23.40
N GLY D 105 -31.98 5.16 -23.16
CA GLY D 105 -33.04 6.13 -22.94
C GLY D 105 -33.61 6.18 -21.54
N TYR D 106 -33.09 5.35 -20.64
CA TYR D 106 -33.57 5.34 -19.25
C TYR D 106 -32.60 6.05 -18.32
N SER D 107 -33.14 6.86 -17.40
CA SER D 107 -32.31 7.44 -16.34
C SER D 107 -31.88 6.32 -15.39
N ALA D 108 -30.88 6.58 -14.57
CA ALA D 108 -30.41 5.59 -13.63
C ALA D 108 -31.58 5.04 -12.82
N ASP D 109 -32.34 5.94 -12.21
CA ASP D 109 -33.50 5.57 -11.39
C ASP D 109 -34.50 4.78 -12.20
N GLU D 110 -34.80 5.27 -13.41
CA GLU D 110 -35.79 4.62 -14.26
C GLU D 110 -35.39 3.18 -14.58
N LEU D 111 -34.10 2.99 -14.87
CA LEU D 111 -33.55 1.69 -15.22
C LEU D 111 -33.65 0.71 -14.06
N ALA D 112 -33.39 1.22 -12.85
CA ALA D 112 -33.40 0.37 -11.67
C ALA D 112 -34.81 -0.11 -11.38
N VAL D 113 -35.77 0.79 -11.51
CA VAL D 113 -37.15 0.43 -11.28
C VAL D 113 -37.59 -0.64 -12.29
N LYS D 114 -37.16 -0.50 -13.54
CA LYS D 114 -37.54 -1.45 -14.59
C LYS D 114 -36.89 -2.81 -14.39
N LEU D 115 -35.62 -2.81 -14.01
CA LEU D 115 -34.92 -4.06 -13.80
C LEU D 115 -35.46 -4.80 -12.59
N ALA D 116 -35.95 -4.03 -11.60
CA ALA D 116 -36.51 -4.64 -10.41
C ALA D 116 -37.79 -5.32 -10.84
N LYS D 117 -38.58 -4.59 -11.61
CA LYS D 117 -39.82 -5.08 -12.16
C LYS D 117 -39.57 -6.33 -13.02
N PHE D 118 -38.52 -6.29 -13.83
CA PHE D 118 -38.15 -7.41 -14.65
C PHE D 118 -37.80 -8.65 -13.84
N GLN D 119 -36.94 -8.47 -12.83
CA GLN D 119 -36.51 -9.58 -11.98
C GLN D 119 -37.71 -10.36 -11.42
N GLN D 120 -38.73 -9.62 -10.99
CA GLN D 120 -39.90 -10.21 -10.36
C GLN D 120 -40.70 -11.01 -11.37
N SER D 121 -41.09 -10.36 -12.46
CA SER D 121 -41.89 -11.00 -13.49
C SER D 121 -41.17 -12.15 -14.18
N PHE D 122 -39.85 -12.08 -14.25
CA PHE D 122 -39.08 -13.10 -14.93
C PHE D 122 -39.09 -14.44 -14.18
N ASN D 123 -38.96 -14.37 -12.86
CA ASN D 123 -39.04 -15.55 -12.00
C ASN D 123 -40.47 -16.10 -11.92
N GLN D 124 -41.42 -15.17 -11.70
CA GLN D 124 -42.83 -15.54 -11.63
C GLN D 124 -43.29 -16.20 -12.93
N ALA D 125 -42.39 -16.31 -13.89
CA ALA D 125 -42.72 -16.82 -15.22
C ALA D 125 -41.76 -17.92 -15.62
N GLU D 126 -40.64 -18.03 -14.94
CA GLU D 126 -39.70 -19.11 -15.22
C GLU D 126 -39.47 -19.91 -13.95
N ASN D 127 -40.05 -19.42 -12.86
CA ASN D 127 -39.92 -20.07 -11.55
C ASN D 127 -38.49 -20.26 -11.07
N ILE D 128 -37.76 -19.15 -10.96
CA ILE D 128 -36.35 -19.23 -10.61
C ILE D 128 -35.99 -18.22 -9.53
N ASN D 129 -35.95 -18.69 -8.29
CA ASN D 129 -35.61 -17.82 -7.17
C ASN D 129 -34.12 -17.50 -7.16
N ASN D 130 -33.71 -16.60 -8.06
CA ASN D 130 -32.31 -16.21 -8.15
C ASN D 130 -32.12 -14.73 -8.49
N LYS D 131 -31.46 -14.02 -7.58
CA LYS D 131 -31.12 -12.63 -7.82
C LYS D 131 -29.77 -12.53 -8.53
N PRO D 132 -29.55 -11.43 -9.22
CA PRO D 132 -28.25 -11.18 -9.81
C PRO D 132 -27.27 -10.75 -8.75
N ASP D 133 -26.05 -11.23 -8.82
CA ASP D 133 -25.03 -10.82 -7.87
C ASP D 133 -24.30 -9.61 -8.44
N HIS D 134 -23.98 -9.70 -9.71
CA HIS D 134 -23.23 -8.65 -10.37
C HIS D 134 -23.95 -8.16 -11.61
N ILE D 135 -23.85 -6.87 -11.87
CA ILE D 135 -24.43 -6.28 -13.04
C ILE D 135 -23.36 -5.45 -13.73
N SER D 136 -22.95 -5.90 -14.92
CA SER D 136 -21.98 -5.20 -15.74
C SER D 136 -22.69 -4.23 -16.70
N ILE D 137 -22.44 -2.95 -16.58
CA ILE D 137 -23.06 -1.99 -17.48
C ILE D 137 -22.23 -1.91 -18.76
N VAL D 138 -22.74 -2.51 -19.83
CA VAL D 138 -22.07 -2.47 -21.11
C VAL D 138 -22.61 -1.35 -22.00
N GLY D 139 -22.22 -0.12 -21.72
CA GLY D 139 -22.58 1.03 -22.57
C GLY D 139 -21.55 2.12 -22.41
N CYS D 140 -21.49 3.05 -23.36
CA CYS D 140 -20.47 4.11 -23.31
C CYS D 140 -20.57 5.15 -22.20
N SER D 141 -19.45 5.39 -21.53
CA SER D 141 -19.36 6.39 -20.47
C SER D 141 -20.63 6.52 -19.65
N LEU D 142 -20.72 5.72 -18.59
CA LEU D 142 -21.87 5.75 -17.68
C LEU D 142 -21.44 5.94 -16.23
N VAL D 143 -20.34 6.68 -16.05
CA VAL D 143 -19.78 6.97 -14.73
C VAL D 143 -18.77 8.09 -14.94
N SER D 144 -18.73 9.06 -14.04
CA SER D 144 -17.80 10.19 -14.19
C SER D 144 -16.36 9.71 -14.31
N ASP D 145 -15.52 10.52 -14.95
CA ASP D 145 -14.15 10.12 -15.20
C ASP D 145 -13.39 9.78 -13.91
N ASP D 146 -13.71 10.47 -12.83
CA ASP D 146 -13.03 10.21 -11.56
C ASP D 146 -13.72 9.11 -10.76
N LYS D 147 -14.68 8.44 -11.39
CA LYS D 147 -15.42 7.35 -10.77
C LYS D 147 -16.14 7.79 -9.50
N GLN D 148 -16.22 9.11 -9.29
CA GLN D 148 -16.85 9.62 -8.08
C GLN D 148 -18.38 9.51 -8.14
N LYS D 149 -18.96 10.00 -9.22
CA LYS D 149 -20.41 9.99 -9.33
C LYS D 149 -20.87 9.67 -10.75
N GLY D 150 -22.17 9.83 -11.00
CA GLY D 150 -22.70 9.61 -12.32
C GLY D 150 -23.73 8.49 -12.36
N PHE D 151 -23.95 7.95 -13.56
CA PHE D 151 -24.99 6.96 -13.77
C PHE D 151 -24.74 5.67 -12.98
N GLY D 152 -23.50 5.17 -13.00
CA GLY D 152 -23.16 3.97 -12.26
C GLY D 152 -23.53 4.07 -10.78
N HIS D 153 -23.18 5.21 -10.17
CA HIS D 153 -23.45 5.43 -8.74
C HIS D 153 -24.95 5.54 -8.46
N GLN D 154 -25.63 6.40 -9.19
CA GLN D 154 -27.07 6.55 -9.02
C GLN D 154 -27.78 5.20 -9.19
N PHE D 155 -27.39 4.45 -10.22
CA PHE D 155 -27.98 3.15 -10.50
C PHE D 155 -27.85 2.16 -9.31
N ILE D 156 -26.65 2.05 -8.74
CA ILE D 156 -26.45 1.05 -7.70
C ILE D 156 -27.32 1.33 -6.47
N ASN D 157 -27.49 2.61 -6.16
CA ASN D 157 -28.37 2.99 -5.07
C ASN D 157 -29.82 2.70 -5.43
N ALA D 158 -30.28 3.24 -6.55
CA ALA D 158 -31.63 2.95 -7.03
C ALA D 158 -31.92 1.45 -6.96
N MET D 159 -31.00 0.64 -7.45
CA MET D 159 -31.17 -0.81 -7.40
C MET D 159 -31.45 -1.27 -5.96
N ASP D 160 -30.65 -0.78 -5.03
CA ASP D 160 -30.82 -1.15 -3.62
C ASP D 160 -32.18 -0.68 -3.14
N ALA D 161 -32.50 0.58 -3.40
CA ALA D 161 -33.79 1.15 -2.99
C ALA D 161 -34.96 0.30 -3.46
N ASN D 162 -34.75 -0.42 -4.56
CA ASN D 162 -35.81 -1.23 -5.15
C ASN D 162 -35.67 -2.71 -4.79
N GLY D 163 -34.86 -2.99 -3.77
CA GLY D 163 -34.80 -4.34 -3.24
C GLY D 163 -33.86 -5.27 -3.97
N LEU D 164 -32.78 -4.72 -4.51
CA LEU D 164 -31.76 -5.54 -5.17
C LEU D 164 -30.35 -5.10 -4.79
N ARG D 165 -29.73 -5.80 -3.84
CA ARG D 165 -28.36 -5.50 -3.48
C ARG D 165 -27.44 -6.19 -4.48
N VAL D 166 -26.82 -5.40 -5.35
CA VAL D 166 -25.90 -5.95 -6.34
C VAL D 166 -24.61 -5.14 -6.50
N ASP D 167 -23.58 -5.81 -7.01
CA ASP D 167 -22.35 -5.15 -7.42
C ASP D 167 -22.53 -4.64 -8.85
N VAL D 168 -21.89 -3.52 -9.16
CA VAL D 168 -22.00 -2.92 -10.48
C VAL D 168 -20.65 -2.48 -11.06
N SER D 169 -20.32 -2.98 -12.25
CA SER D 169 -19.14 -2.51 -12.96
C SER D 169 -19.60 -1.62 -14.11
N VAL D 170 -18.98 -0.46 -14.28
CA VAL D 170 -19.35 0.49 -15.33
C VAL D 170 -18.10 1.16 -15.90
N ARG D 171 -18.15 1.57 -17.17
CA ARG D 171 -16.99 2.23 -17.78
C ARG D 171 -17.21 3.73 -17.90
N SER D 172 -16.13 4.49 -17.86
CA SER D 172 -16.20 5.94 -17.93
C SER D 172 -15.85 6.47 -19.33
N SER D 173 -15.51 5.57 -20.23
CA SER D 173 -15.13 5.96 -21.57
C SER D 173 -16.01 5.27 -22.60
N GLU D 174 -15.84 5.66 -23.87
CA GLU D 174 -16.47 4.93 -24.96
C GLU D 174 -16.11 3.46 -24.82
N LEU D 175 -17.04 2.58 -25.19
CA LEU D 175 -16.84 1.15 -25.04
C LEU D 175 -17.20 0.47 -26.36
N ALA D 176 -16.67 -0.73 -26.59
CA ALA D 176 -17.00 -1.48 -27.78
C ALA D 176 -16.86 -2.95 -27.47
N VAL D 177 -17.62 -3.77 -28.18
CA VAL D 177 -17.47 -5.22 -28.03
C VAL D 177 -17.03 -5.86 -29.34
N ASP D 178 -16.09 -6.78 -29.22
CA ASP D 178 -15.55 -7.46 -30.38
C ASP D 178 -16.24 -8.79 -30.60
N GLU D 179 -15.78 -9.53 -31.61
CA GLU D 179 -16.45 -10.74 -32.05
C GLU D 179 -16.44 -11.82 -30.98
N ALA D 180 -15.45 -11.77 -30.10
CA ALA D 180 -15.31 -12.78 -29.07
C ALA D 180 -16.15 -12.41 -27.86
N GLY D 181 -16.80 -11.25 -27.92
CA GLY D 181 -17.62 -10.75 -26.81
C GLY D 181 -16.78 -10.08 -25.73
N ARG D 182 -15.65 -9.51 -26.13
CA ARG D 182 -14.75 -8.83 -25.23
C ARG D 182 -15.00 -7.33 -25.24
N LYS D 183 -14.75 -6.68 -24.10
CA LYS D 183 -14.87 -5.24 -24.00
C LYS D 183 -13.57 -4.52 -24.39
N HIS D 184 -13.70 -3.36 -25.00
CA HIS D 184 -12.55 -2.53 -25.37
C HIS D 184 -12.87 -1.08 -25.05
N THR D 185 -11.99 -0.43 -24.29
CA THR D 185 -12.26 0.94 -23.88
C THR D 185 -11.31 1.90 -24.59
N LYS D 186 -11.59 3.19 -24.47
CA LYS D 186 -10.78 4.22 -25.11
C LYS D 186 -10.09 5.06 -24.03
N ASP D 187 -8.78 5.24 -24.15
CA ASP D 187 -8.03 6.03 -23.15
C ASP D 187 -7.84 7.50 -23.53
N ALA D 188 -7.00 8.20 -22.76
CA ALA D 188 -6.82 9.66 -22.91
C ALA D 188 -6.41 10.13 -24.31
N ASN D 189 -5.80 9.24 -25.11
CA ASN D 189 -5.29 9.63 -26.42
C ASN D 189 -6.15 9.21 -27.62
N GLY D 190 -7.31 8.61 -27.35
CA GLY D 190 -8.23 8.20 -28.41
C GLY D 190 -7.93 6.83 -29.01
N ASP D 191 -6.97 6.14 -28.41
CA ASP D 191 -6.57 4.81 -28.88
C ASP D 191 -7.37 3.73 -28.18
N TRP D 192 -7.73 2.69 -28.93
CA TRP D 192 -8.56 1.62 -28.39
C TRP D 192 -7.72 0.49 -27.77
N VAL D 193 -7.70 0.45 -26.44
CA VAL D 193 -6.94 -0.55 -25.70
C VAL D 193 -7.84 -1.68 -25.20
N GLN D 194 -7.25 -2.60 -24.44
CA GLN D 194 -8.03 -3.68 -23.83
C GLN D 194 -7.73 -3.75 -22.34
N LYS D 195 -8.69 -4.11 -21.54
CA LYS D 195 -8.45 -4.26 -20.13
C LYS D 195 -7.78 -3.06 -19.54
N ALA D 196 -8.28 -1.90 -19.89
CA ALA D 196 -7.73 -0.66 -19.35
C ALA D 196 -8.46 -0.25 -18.08
N GLU D 197 -7.84 -0.55 -16.94
CA GLU D 197 -8.44 -0.28 -15.62
C GLU D 197 -8.77 1.18 -15.35
N ASN D 198 -7.99 2.09 -15.94
CA ASN D 198 -8.22 3.52 -15.73
C ASN D 198 -9.55 4.02 -16.30
N ASN D 199 -10.35 3.12 -16.87
CA ASN D 199 -11.62 3.52 -17.48
C ASN D 199 -12.80 2.77 -16.90
N LYS D 200 -12.48 1.75 -16.09
CA LYS D 200 -13.50 0.90 -15.51
C LYS D 200 -13.48 1.04 -14.00
N VAL D 201 -14.61 0.76 -13.38
CA VAL D 201 -14.71 0.78 -11.95
C VAL D 201 -15.78 -0.21 -11.54
N SER D 202 -15.58 -0.82 -10.40
CA SER D 202 -16.53 -1.78 -9.89
C SER D 202 -17.06 -1.26 -8.58
N LEU D 203 -18.36 -1.01 -8.52
CA LEU D 203 -18.99 -0.51 -7.31
C LEU D 203 -19.58 -1.64 -6.49
N SER D 204 -19.67 -1.44 -5.18
CA SER D 204 -20.13 -2.49 -4.28
C SER D 204 -20.37 -1.90 -2.90
N TRP D 205 -20.52 -2.76 -1.90
CA TRP D 205 -20.88 -2.33 -0.56
C TRP D 205 -19.78 -2.46 0.50
#